data_3MVE
#
_entry.id   3MVE
#
_cell.length_a   60.834
_cell.length_b   88.201
_cell.length_c   79.629
_cell.angle_alpha   90.00
_cell.angle_beta   106.62
_cell.angle_gamma   90.00
#
_symmetry.space_group_name_H-M   'P 1 21 1'
#
loop_
_entity.id
_entity.type
_entity.pdbx_description
1 polymer 'UPF0255 protein VV1_0328'
2 non-polymer 'SULFATE ION'
3 non-polymer 1,2-ETHANEDIOL
4 water water
#
_entity_poly.entity_id   1
_entity_poly.type   'polypeptide(L)'
_entity_poly.pdbx_seq_one_letter_code
;MSEEVSKNLSETLFVKHKQAKETSALTQYMPTSQSLLDEIKEKNGFSWYRNLRRLQWVWQGVDPIEQEQVLARIASSKHS
RTDEQWLDTVMGYHSGNWAYEWTRLGMEHQKRAGEMTNEAASEALFSASLCYSIAGYPHLKSDNLAIQAQVLANSAYLEA
AKKSKYIIKQLEIPFEKGKITAHLHLTNTDKPHPVVIVSAGLDSLQTDMWRLFRDHLAKHDIAMLTVDMPSVGYSSKYPL
TEDYSRLHQAVLNELFSIPYVDHHRVGLIGFRFGGNAMVRLSFLEQEKIKACVILGAPIHDIFASPQKLQQMPKMYLDVL
ASRLGKSVVDIYSLSGQMAAWSLKVQGFLSSRKTKVPILAMSLEGDPVSPYSDNQMVAFFSTYGKAKKISSKTITQGYEQ
SLDLAIKWLEDELLR
;
_entity_poly.pdbx_strand_id   A,B
#
# COMPACT_ATOMS: atom_id res chain seq x y z
N ALA A 20 15.54 -3.62 4.22
CA ALA A 20 14.60 -3.17 5.30
C ALA A 20 15.34 -2.42 6.41
N LYS A 21 16.15 -1.45 6.05
CA LYS A 21 16.90 -0.69 7.03
C LYS A 21 15.95 0.10 7.95
N GLU A 22 16.33 0.26 9.21
CA GLU A 22 15.51 1.01 10.17
C GLU A 22 15.62 2.47 9.77
N THR A 23 14.51 3.18 9.84
CA THR A 23 14.38 4.58 9.46
C THR A 23 15.56 5.53 9.71
N SER A 24 16.02 5.61 10.95
CA SER A 24 17.12 6.51 11.32
C SER A 24 18.45 6.16 10.65
N ALA A 25 18.56 4.94 10.14
CA ALA A 25 19.77 4.48 9.46
C ALA A 25 19.67 4.52 7.94
N LEU A 26 18.52 4.93 7.42
CA LEU A 26 18.35 4.97 5.97
C LEU A 26 19.13 6.06 5.23
N THR A 27 19.28 7.23 5.85
CA THR A 27 19.99 8.31 5.20
C THR A 27 21.52 8.19 5.33
N GLN A 28 22.20 8.31 4.20
CA GLN A 28 23.65 8.20 4.13
C GLN A 28 24.35 9.55 4.22
N TYR A 29 25.30 9.64 5.15
CA TYR A 29 26.05 10.88 5.36
C TYR A 29 27.54 10.69 5.10
N MET A 30 28.20 11.76 4.70
CA MET A 30 29.63 11.72 4.47
C MET A 30 30.27 11.66 5.85
N PRO A 31 31.39 10.91 5.99
CA PRO A 31 32.12 10.73 7.25
C PRO A 31 32.16 11.94 8.18
N THR A 32 32.56 13.11 7.70
CA THR A 32 32.60 14.28 8.58
C THR A 32 31.21 14.79 8.92
N SER A 33 30.21 14.44 8.10
CA SER A 33 28.85 14.89 8.40
C SER A 33 28.33 14.00 9.51
N GLN A 34 28.60 12.69 9.40
CA GLN A 34 28.17 11.76 10.43
C GLN A 34 28.84 12.16 11.74
N SER A 35 30.10 12.56 11.64
CA SER A 35 30.86 13.00 12.81
C SER A 35 30.12 14.18 13.48
N LEU A 36 29.69 15.14 12.67
CA LEU A 36 28.95 16.29 13.18
C LEU A 36 27.64 15.83 13.81
N LEU A 37 26.93 14.94 13.11
CA LEU A 37 25.68 14.43 13.64
C LEU A 37 25.90 13.75 14.99
N ASP A 38 26.97 12.97 15.11
CA ASP A 38 27.23 12.30 16.38
C ASP A 38 27.53 13.29 17.53
N GLU A 39 28.25 14.38 17.24
CA GLU A 39 28.59 15.37 18.27
C GLU A 39 27.34 16.03 18.84
N ILE A 40 26.45 16.48 17.96
CA ILE A 40 25.24 17.17 18.39
C ILE A 40 24.20 16.25 19.03
N LYS A 41 24.18 14.98 18.62
CA LYS A 41 23.25 14.02 19.21
C LYS A 41 23.72 13.79 20.63
N GLU A 42 25.04 13.68 20.78
CA GLU A 42 25.65 13.46 22.08
C GLU A 42 25.44 14.68 22.96
N LYS A 43 25.54 15.86 22.37
CA LYS A 43 25.37 17.11 23.10
C LYS A 43 23.93 17.28 23.61
N ASN A 44 22.97 17.06 22.74
CA ASN A 44 21.56 17.17 23.10
C ASN A 44 21.14 16.11 24.12
N GLY A 45 21.55 14.87 23.87
CA GLY A 45 21.20 13.79 24.78
C GLY A 45 19.71 13.44 24.71
N PHE A 46 19.08 13.64 23.54
CA PHE A 46 17.67 13.34 23.38
C PHE A 46 17.48 11.83 23.31
N SER A 47 16.33 11.36 23.80
CA SER A 47 16.02 9.94 23.83
C SER A 47 15.19 9.47 22.64
N TRP A 48 14.96 10.35 21.66
CA TRP A 48 14.17 10.02 20.50
C TRP A 48 14.74 10.54 19.19
N TYR A 49 14.64 9.71 18.15
CA TYR A 49 15.10 10.11 16.82
C TYR A 49 14.02 11.08 16.30
N ARG A 50 12.78 10.60 16.26
CA ARG A 50 11.67 11.44 15.79
C ARG A 50 11.38 12.59 16.76
N ASN A 51 10.95 13.71 16.20
CA ASN A 51 10.65 14.90 16.98
C ASN A 51 9.23 14.77 17.51
N LEU A 52 9.09 14.34 18.76
CA LEU A 52 7.76 14.16 19.33
C LEU A 52 6.99 15.47 19.46
N ARG A 53 7.69 16.55 19.81
CA ARG A 53 7.04 17.86 19.98
C ARG A 53 6.35 18.27 18.71
N ARG A 54 7.01 17.99 17.59
CA ARG A 54 6.46 18.29 16.29
C ARG A 54 5.24 17.39 16.01
N LEU A 55 5.37 16.10 16.34
CA LEU A 55 4.29 15.14 16.13
C LEU A 55 3.03 15.51 16.89
N GLN A 56 3.18 16.36 17.90
CA GLN A 56 2.04 16.81 18.69
C GLN A 56 1.03 17.59 17.89
N TRP A 57 1.39 18.05 16.69
CA TRP A 57 0.41 18.77 15.87
C TRP A 57 -0.65 17.78 15.41
N VAL A 58 -0.18 16.67 14.81
CA VAL A 58 -1.04 15.59 14.34
C VAL A 58 -1.69 14.84 15.50
N TRP A 59 -0.96 14.69 16.60
CA TRP A 59 -1.47 13.99 17.77
C TRP A 59 -2.72 14.59 18.35
N GLN A 60 -3.07 15.76 17.88
CA GLN A 60 -4.29 16.37 18.33
C GLN A 60 -5.43 15.46 17.91
N GLY A 61 -5.18 14.62 16.90
CA GLY A 61 -6.18 13.69 16.41
C GLY A 61 -6.24 12.36 17.15
N VAL A 62 -5.14 11.96 17.79
CA VAL A 62 -5.14 10.71 18.53
C VAL A 62 -5.25 10.96 20.03
N ASP A 63 -6.01 10.08 20.69
CA ASP A 63 -6.24 10.17 22.12
C ASP A 63 -4.93 10.08 22.91
N PRO A 64 -4.76 10.96 23.90
CA PRO A 64 -3.55 10.97 24.71
C PRO A 64 -3.21 9.64 25.36
N ILE A 65 -4.23 8.98 25.90
CA ILE A 65 -4.03 7.68 26.55
C ILE A 65 -3.44 6.67 25.57
N GLU A 66 -3.83 6.75 24.29
CA GLU A 66 -3.31 5.83 23.26
C GLU A 66 -1.89 6.19 22.87
N GLN A 67 -1.59 7.48 22.80
CA GLN A 67 -0.24 7.94 22.48
C GLN A 67 0.73 7.32 23.50
N GLU A 68 0.39 7.52 24.77
CA GLU A 68 1.17 7.02 25.91
C GLU A 68 1.40 5.52 25.80
N GLN A 69 0.33 4.79 25.52
CA GLN A 69 0.42 3.34 25.41
C GLN A 69 1.30 2.89 24.25
N VAL A 70 1.15 3.51 23.08
CA VAL A 70 1.98 3.14 21.94
C VAL A 70 3.44 3.51 22.23
N LEU A 71 3.66 4.71 22.77
CA LEU A 71 5.01 5.17 23.05
C LEU A 71 5.70 4.38 24.17
N ALA A 72 4.93 3.91 25.15
CA ALA A 72 5.50 3.13 26.23
C ALA A 72 5.99 1.79 25.63
N ARG A 73 5.19 1.17 24.77
CA ARG A 73 5.58 -0.09 24.14
C ARG A 73 6.87 0.08 23.33
N ILE A 74 6.98 1.19 22.63
CA ILE A 74 8.16 1.46 21.82
C ILE A 74 9.40 1.67 22.72
N ALA A 75 9.25 2.50 23.75
CA ALA A 75 10.34 2.79 24.68
C ALA A 75 10.68 1.60 25.60
N SER A 76 9.68 0.80 25.94
CA SER A 76 9.89 -0.35 26.82
C SER A 76 10.53 -1.55 26.15
N SER A 77 10.47 -1.60 24.82
CA SER A 77 11.00 -2.74 24.09
C SER A 77 12.44 -3.14 24.41
N LYS A 78 12.65 -4.45 24.46
CA LYS A 78 13.96 -5.04 24.74
C LYS A 78 14.63 -5.40 23.43
N HIS A 79 13.91 -5.24 22.32
CA HIS A 79 14.48 -5.56 21.01
C HIS A 79 15.58 -4.58 20.60
N SER A 80 16.56 -5.09 19.84
CA SER A 80 17.71 -4.32 19.39
C SER A 80 17.39 -3.05 18.64
N ARG A 81 18.14 -1.99 18.94
CA ARG A 81 17.95 -0.69 18.30
C ARG A 81 19.18 -0.26 17.49
N THR A 82 18.96 0.55 16.46
CA THR A 82 20.05 1.06 15.63
C THR A 82 20.98 1.82 16.58
N ASP A 83 20.35 2.53 17.52
CA ASP A 83 21.04 3.32 18.53
C ASP A 83 20.19 3.22 19.79
N GLU A 84 20.75 2.64 20.85
CA GLU A 84 20.02 2.49 22.08
C GLU A 84 19.66 3.83 22.73
N GLN A 85 20.29 4.92 22.29
CA GLN A 85 19.96 6.23 22.85
C GLN A 85 18.60 6.68 22.33
N TRP A 86 18.28 6.27 21.10
CA TRP A 86 17.00 6.66 20.49
C TRP A 86 16.01 5.52 20.62
N LEU A 87 15.14 5.67 21.62
CA LEU A 87 14.13 4.69 21.97
C LEU A 87 13.25 4.20 20.84
N ASP A 88 13.05 5.05 19.83
CA ASP A 88 12.19 4.70 18.70
C ASP A 88 12.91 4.09 17.52
N THR A 89 14.10 3.55 17.72
CA THR A 89 14.83 2.95 16.59
C THR A 89 14.99 1.42 16.62
N VAL A 90 14.04 0.73 17.24
CA VAL A 90 14.08 -0.73 17.26
C VAL A 90 14.07 -1.16 15.79
N MET A 91 15.03 -2.01 15.43
CA MET A 91 15.19 -2.48 14.06
C MET A 91 14.30 -3.65 13.75
N GLY A 92 13.87 -3.75 12.50
CA GLY A 92 13.02 -4.87 12.10
C GLY A 92 11.57 -4.78 12.53
N TYR A 93 10.73 -5.47 11.77
CA TYR A 93 9.31 -5.47 12.00
C TYR A 93 8.80 -6.48 13.05
N HIS A 94 8.84 -6.06 14.30
CA HIS A 94 8.35 -6.84 15.43
C HIS A 94 8.11 -5.85 16.58
N SER A 95 7.54 -6.31 17.70
CA SER A 95 7.23 -5.43 18.82
C SER A 95 8.32 -4.40 19.14
N GLY A 96 7.90 -3.17 19.45
CA GLY A 96 8.86 -2.13 19.76
C GLY A 96 9.17 -1.24 18.56
N ASN A 97 9.07 -1.81 17.35
CA ASN A 97 9.33 -1.02 16.15
C ASN A 97 8.26 0.07 16.01
N TRP A 98 8.68 1.28 15.66
CA TRP A 98 7.76 2.42 15.52
C TRP A 98 6.60 2.18 14.56
N ALA A 99 6.90 1.80 13.32
CA ALA A 99 5.84 1.57 12.35
C ALA A 99 4.94 0.43 12.82
N TYR A 100 5.57 -0.61 13.36
CA TYR A 100 4.84 -1.77 13.86
C TYR A 100 3.82 -1.43 14.95
N GLU A 101 4.27 -0.70 15.97
CA GLU A 101 3.41 -0.35 17.09
C GLU A 101 2.25 0.58 16.72
N TRP A 102 2.52 1.59 15.89
CA TRP A 102 1.47 2.49 15.46
C TRP A 102 0.49 1.77 14.53
N THR A 103 1.01 0.90 13.66
CA THR A 103 0.14 0.16 12.76
C THR A 103 -0.78 -0.75 13.57
N ARG A 104 -0.27 -1.29 14.69
CA ARG A 104 -1.11 -2.14 15.54
C ARG A 104 -2.32 -1.33 16.04
N LEU A 105 -2.10 -0.11 16.48
CA LEU A 105 -3.20 0.73 16.96
C LEU A 105 -4.15 1.06 15.82
N GLY A 106 -3.59 1.36 14.65
CA GLY A 106 -4.44 1.67 13.52
C GLY A 106 -5.35 0.48 13.21
N MET A 107 -4.80 -0.73 13.29
CA MET A 107 -5.59 -1.92 13.01
C MET A 107 -6.73 -2.08 14.02
N GLU A 108 -6.47 -1.79 15.31
CA GLU A 108 -7.51 -1.90 16.32
C GLU A 108 -8.67 -0.99 16.00
N HIS A 109 -8.37 0.27 15.68
CA HIS A 109 -9.40 1.24 15.32
C HIS A 109 -10.15 0.77 14.10
N GLN A 110 -9.42 0.22 13.13
CA GLN A 110 -10.06 -0.26 11.93
C GLN A 110 -11.04 -1.39 12.28
N LYS A 111 -10.63 -2.27 13.18
CA LYS A 111 -11.49 -3.38 13.60
C LYS A 111 -12.75 -2.91 14.31
N ARG A 112 -12.60 -1.94 15.21
CA ARG A 112 -13.73 -1.38 15.97
C ARG A 112 -14.73 -0.68 15.05
N ALA A 113 -14.22 -0.01 14.01
CA ALA A 113 -15.07 0.70 13.06
C ALA A 113 -16.15 -0.22 12.49
N GLY A 114 -15.77 -1.44 12.15
CA GLY A 114 -16.72 -2.39 11.59
C GLY A 114 -17.79 -2.86 12.54
N GLU A 115 -17.69 -2.47 13.81
CA GLU A 115 -18.67 -2.86 14.80
C GLU A 115 -19.52 -1.68 15.22
N MET A 116 -19.13 -0.50 14.76
CA MET A 116 -19.83 0.74 15.10
C MET A 116 -20.77 1.13 13.96
N THR A 117 -21.53 2.18 14.18
CA THR A 117 -22.44 2.64 13.16
C THR A 117 -22.28 4.12 12.91
N ASN A 118 -22.69 4.55 11.72
CA ASN A 118 -22.69 5.95 11.35
C ASN A 118 -21.41 6.76 11.56
N GLU A 119 -21.56 7.95 12.13
CA GLU A 119 -20.43 8.84 12.35
C GLU A 119 -19.32 8.23 13.21
N ALA A 120 -19.70 7.46 14.23
CA ALA A 120 -18.70 6.84 15.10
C ALA A 120 -17.79 5.94 14.29
N ALA A 121 -18.39 5.14 13.41
CA ALA A 121 -17.61 4.23 12.56
C ALA A 121 -16.70 5.06 11.68
N SER A 122 -17.26 6.13 11.13
CA SER A 122 -16.50 7.02 10.28
C SER A 122 -15.27 7.53 11.00
N GLU A 123 -15.46 8.01 12.23
CA GLU A 123 -14.36 8.55 13.00
C GLU A 123 -13.32 7.50 13.36
N ALA A 124 -13.75 6.26 13.61
CA ALA A 124 -12.79 5.22 13.96
C ALA A 124 -11.86 4.91 12.77
N LEU A 125 -12.40 5.01 11.55
CA LEU A 125 -11.59 4.79 10.36
C LEU A 125 -10.65 5.98 10.18
N PHE A 126 -11.12 7.17 10.53
CA PHE A 126 -10.23 8.33 10.41
C PHE A 126 -9.07 8.13 11.41
N SER A 127 -9.38 7.64 12.60
CA SER A 127 -8.35 7.38 13.61
C SER A 127 -7.35 6.34 13.08
N ALA A 128 -7.88 5.29 12.46
CA ALA A 128 -7.04 4.24 11.89
C ALA A 128 -6.11 4.84 10.82
N SER A 129 -6.67 5.66 9.94
CA SER A 129 -5.90 6.30 8.90
C SER A 129 -4.77 7.14 9.49
N LEU A 130 -5.09 7.96 10.49
CA LEU A 130 -4.08 8.81 11.11
C LEU A 130 -2.99 7.93 11.78
N CYS A 131 -3.38 6.84 12.43
CA CYS A 131 -2.38 5.97 13.05
C CYS A 131 -1.45 5.34 12.01
N TYR A 132 -1.99 4.96 10.86
CA TYR A 132 -1.14 4.36 9.82
C TYR A 132 -0.15 5.40 9.28
N SER A 133 -0.61 6.65 9.22
CA SER A 133 0.21 7.76 8.73
C SER A 133 1.36 8.01 9.71
N ILE A 134 1.02 8.06 11.00
CA ILE A 134 2.03 8.27 12.04
C ILE A 134 3.09 7.18 12.00
N ALA A 135 2.65 5.96 11.69
CA ALA A 135 3.52 4.80 11.56
C ALA A 135 4.64 5.06 10.55
N GLY A 136 4.32 5.77 9.47
CA GLY A 136 5.32 6.06 8.46
C GLY A 136 6.16 7.30 8.70
N TYR A 137 5.73 8.14 9.63
CA TYR A 137 6.44 9.39 9.96
C TYR A 137 7.92 9.12 10.20
N PRO A 138 8.83 9.97 9.67
CA PRO A 138 8.60 11.18 8.85
C PRO A 138 8.42 10.97 7.35
N HIS A 139 8.11 9.75 6.94
CA HIS A 139 7.89 9.45 5.54
C HIS A 139 9.10 9.63 4.62
N LEU A 140 10.21 9.00 4.98
CA LEU A 140 11.42 9.08 4.17
C LEU A 140 11.21 8.25 2.90
N LYS A 141 11.65 8.80 1.78
CA LYS A 141 11.51 8.15 0.47
C LYS A 141 11.87 6.68 0.41
N SER A 142 13.04 6.31 0.92
CA SER A 142 13.47 4.92 0.85
C SER A 142 12.97 4.02 1.97
N ASP A 143 12.09 4.55 2.83
CA ASP A 143 11.56 3.76 3.94
C ASP A 143 10.39 2.90 3.47
N ASN A 144 10.65 1.62 3.25
CA ASN A 144 9.60 0.70 2.76
C ASN A 144 8.44 0.48 3.73
N LEU A 145 8.70 0.45 5.02
CA LEU A 145 7.62 0.27 6.00
C LEU A 145 6.72 1.52 5.95
N ALA A 146 7.33 2.70 5.85
CA ALA A 146 6.57 3.94 5.78
C ALA A 146 5.76 4.01 4.49
N ILE A 147 6.33 3.49 3.40
CA ILE A 147 5.62 3.50 2.11
C ILE A 147 4.36 2.65 2.22
N GLN A 148 4.49 1.44 2.74
CA GLN A 148 3.33 0.57 2.87
C GLN A 148 2.33 1.15 3.88
N ALA A 149 2.81 1.81 4.93
CA ALA A 149 1.91 2.43 5.91
C ALA A 149 1.10 3.55 5.25
N GLN A 150 1.70 4.20 4.26
CA GLN A 150 1.05 5.28 3.53
C GLN A 150 -0.14 4.69 2.75
N VAL A 151 0.04 3.48 2.21
CA VAL A 151 -1.04 2.83 1.48
C VAL A 151 -2.17 2.54 2.44
N LEU A 152 -1.83 2.08 3.65
CA LEU A 152 -2.86 1.77 4.64
C LEU A 152 -3.59 3.05 5.04
N ALA A 153 -2.82 4.13 5.15
CA ALA A 153 -3.40 5.42 5.52
C ALA A 153 -4.41 5.87 4.48
N ASN A 154 -3.98 5.83 3.22
CA ASN A 154 -4.87 6.27 2.16
C ASN A 154 -6.11 5.40 2.00
N SER A 155 -5.98 4.08 2.09
CA SER A 155 -7.15 3.21 1.98
C SER A 155 -8.15 3.43 3.12
N ALA A 156 -7.63 3.59 4.34
CA ALA A 156 -8.51 3.81 5.49
C ALA A 156 -9.21 5.17 5.36
N TYR A 157 -8.49 6.17 4.88
CA TYR A 157 -9.08 7.50 4.73
C TYR A 157 -10.27 7.43 3.77
N LEU A 158 -10.10 6.71 2.67
CA LEU A 158 -11.21 6.57 1.71
C LEU A 158 -12.40 5.81 2.30
N GLU A 159 -12.14 4.79 3.13
CA GLU A 159 -13.24 4.04 3.74
C GLU A 159 -13.95 4.91 4.76
N ALA A 160 -13.20 5.82 5.41
CA ALA A 160 -13.80 6.69 6.41
C ALA A 160 -14.74 7.69 5.70
N ALA A 161 -14.30 8.18 4.55
CA ALA A 161 -15.10 9.14 3.78
C ALA A 161 -16.39 8.51 3.34
N LYS A 162 -16.36 7.23 2.97
CA LYS A 162 -17.56 6.53 2.54
C LYS A 162 -18.60 6.48 3.66
N LYS A 163 -18.13 6.34 4.90
CA LYS A 163 -19.02 6.29 6.06
C LYS A 163 -19.45 7.65 6.56
N SER A 164 -18.72 8.70 6.18
CA SER A 164 -19.04 10.04 6.65
C SER A 164 -20.25 10.66 5.96
N LYS A 165 -20.93 11.56 6.68
CA LYS A 165 -22.07 12.29 6.13
C LYS A 165 -21.48 13.48 5.38
N TYR A 166 -20.22 13.80 5.69
CA TYR A 166 -19.51 14.89 5.03
C TYR A 166 -19.02 14.33 3.70
N ILE A 167 -18.85 15.21 2.71
CA ILE A 167 -18.39 14.79 1.39
C ILE A 167 -16.90 15.03 1.21
N ILE A 168 -16.21 14.01 0.70
CA ILE A 168 -14.78 14.11 0.45
C ILE A 168 -14.53 13.59 -0.95
N LYS A 169 -14.08 14.49 -1.82
CA LYS A 169 -13.82 14.13 -3.20
C LYS A 169 -12.33 14.11 -3.50
N GLN A 170 -11.86 13.03 -4.09
CA GLN A 170 -10.46 12.93 -4.43
C GLN A 170 -10.36 13.46 -5.84
N LEU A 171 -9.64 14.56 -6.00
CA LEU A 171 -9.48 15.21 -7.30
C LEU A 171 -8.13 14.85 -7.93
N GLU A 172 -8.11 14.77 -9.25
CA GLU A 172 -6.88 14.48 -9.97
C GLU A 172 -6.73 15.53 -11.06
N ILE A 173 -5.70 16.37 -10.91
CA ILE A 173 -5.43 17.45 -11.84
C ILE A 173 -4.17 17.19 -12.64
N PRO A 174 -4.29 17.16 -13.99
CA PRO A 174 -3.18 16.92 -14.92
C PRO A 174 -2.17 18.06 -14.80
N PHE A 175 -0.89 17.73 -14.70
CA PHE A 175 0.13 18.76 -14.55
C PHE A 175 1.53 18.23 -14.86
N GLU A 176 2.24 18.95 -15.73
CA GLU A 176 3.60 18.57 -16.10
C GLU A 176 3.74 17.09 -16.42
N LYS A 177 2.89 16.60 -17.31
CA LYS A 177 2.91 15.20 -17.70
C LYS A 177 2.73 14.31 -16.48
N GLY A 178 1.82 14.72 -15.61
CA GLY A 178 1.54 13.97 -14.41
C GLY A 178 0.15 14.33 -13.91
N LYS A 179 -0.17 13.91 -12.69
CA LYS A 179 -1.47 14.21 -12.13
C LYS A 179 -1.23 14.62 -10.71
N ILE A 180 -1.96 15.63 -10.27
CA ILE A 180 -1.85 16.09 -8.90
C ILE A 180 -3.12 15.56 -8.22
N THR A 181 -2.94 14.92 -7.07
CA THR A 181 -4.07 14.38 -6.33
C THR A 181 -4.36 15.27 -5.13
N ALA A 182 -5.62 15.70 -4.99
CA ALA A 182 -6.02 16.57 -3.91
C ALA A 182 -7.36 16.08 -3.34
N HIS A 183 -7.61 16.37 -2.07
CA HIS A 183 -8.86 15.94 -1.45
C HIS A 183 -9.71 17.14 -1.07
N LEU A 184 -10.91 17.20 -1.63
CA LEU A 184 -11.85 18.28 -1.36
C LEU A 184 -12.85 17.81 -0.30
N HIS A 185 -12.81 18.47 0.84
CA HIS A 185 -13.69 18.14 1.96
C HIS A 185 -14.83 19.17 2.00
N LEU A 186 -16.06 18.69 2.01
CA LEU A 186 -17.21 19.61 2.01
C LEU A 186 -18.27 19.19 3.01
N THR A 187 -18.96 20.18 3.57
CA THR A 187 -20.03 19.88 4.51
C THR A 187 -21.21 19.39 3.69
N ASN A 188 -21.30 19.87 2.45
CA ASN A 188 -22.36 19.48 1.51
C ASN A 188 -22.09 20.11 0.15
N THR A 189 -22.88 19.73 -0.85
CA THR A 189 -22.71 20.28 -2.18
C THR A 189 -24.00 20.99 -2.59
N ASP A 190 -24.66 21.60 -1.62
CA ASP A 190 -25.91 22.29 -1.90
C ASP A 190 -25.70 23.65 -2.56
N LYS A 191 -24.53 24.24 -2.33
CA LYS A 191 -24.20 25.52 -2.92
C LYS A 191 -22.68 25.65 -2.94
N PRO A 192 -22.15 26.55 -3.77
CA PRO A 192 -20.68 26.68 -3.81
C PRO A 192 -20.20 27.16 -2.44
N HIS A 193 -19.13 26.57 -1.92
CA HIS A 193 -18.62 26.96 -0.62
C HIS A 193 -17.26 27.63 -0.67
N PRO A 194 -16.97 28.50 0.32
CA PRO A 194 -15.68 29.17 0.37
C PRO A 194 -14.73 27.98 0.59
N VAL A 195 -13.49 28.08 0.15
CA VAL A 195 -12.58 26.97 0.30
C VAL A 195 -11.18 27.39 0.74
N VAL A 196 -10.53 26.51 1.50
CA VAL A 196 -9.19 26.76 1.99
C VAL A 196 -8.25 25.72 1.42
N ILE A 197 -7.16 26.17 0.80
CA ILE A 197 -6.20 25.23 0.26
C ILE A 197 -5.19 25.02 1.38
N VAL A 198 -4.86 23.75 1.65
CA VAL A 198 -3.95 23.45 2.74
C VAL A 198 -2.71 22.69 2.31
N SER A 199 -1.62 22.95 3.02
CA SER A 199 -0.36 22.30 2.79
C SER A 199 0.27 22.05 4.15
N ALA A 200 0.48 20.78 4.48
CA ALA A 200 1.12 20.43 5.74
C ALA A 200 2.62 20.54 5.45
N GLY A 201 3.46 20.16 6.42
CA GLY A 201 4.89 20.26 6.19
C GLY A 201 5.48 19.30 5.15
N LEU A 202 6.79 19.16 5.17
CA LEU A 202 7.48 18.24 4.27
C LEU A 202 7.46 16.85 4.91
N ASP A 203 7.11 16.79 6.19
CA ASP A 203 7.05 15.53 6.94
C ASP A 203 5.64 15.06 7.30
N SER A 204 4.64 15.60 6.62
CA SER A 204 3.25 15.22 6.92
C SER A 204 2.48 14.92 5.64
N LEU A 205 1.43 14.11 5.71
CA LEU A 205 0.65 13.79 4.52
C LEU A 205 -0.60 14.66 4.45
N GLN A 206 -1.10 14.89 3.24
CA GLN A 206 -2.29 15.72 3.06
C GLN A 206 -3.51 15.16 3.76
N THR A 207 -3.51 13.85 4.05
CA THR A 207 -4.64 13.22 4.74
C THR A 207 -4.54 13.29 6.29
N ASP A 208 -3.51 13.98 6.79
CA ASP A 208 -3.29 14.13 8.24
C ASP A 208 -4.15 15.23 8.84
N MET A 209 -5.01 15.85 8.05
CA MET A 209 -5.79 16.97 8.58
C MET A 209 -7.31 16.91 8.63
N TRP A 210 -7.85 15.72 8.86
CA TRP A 210 -9.29 15.58 8.98
C TRP A 210 -9.78 16.46 10.14
N ARG A 211 -9.04 16.46 11.25
CA ARG A 211 -9.41 17.25 12.44
C ARG A 211 -9.57 18.74 12.12
N LEU A 212 -8.63 19.26 11.33
CA LEU A 212 -8.65 20.66 10.93
C LEU A 212 -10.00 20.99 10.31
N PHE A 213 -10.46 20.15 9.39
CA PHE A 213 -11.73 20.37 8.73
C PHE A 213 -12.95 20.08 9.61
N ARG A 214 -12.99 18.88 10.18
CA ARG A 214 -14.13 18.50 10.99
C ARG A 214 -14.42 19.36 12.21
N ASP A 215 -13.38 19.75 12.95
CA ASP A 215 -13.58 20.52 14.17
C ASP A 215 -13.45 22.03 14.02
N HIS A 216 -12.94 22.51 12.88
CA HIS A 216 -12.75 23.96 12.69
C HIS A 216 -13.42 24.57 11.46
N LEU A 217 -12.99 24.14 10.27
CA LEU A 217 -13.53 24.70 9.04
C LEU A 217 -15.01 24.37 8.80
N ALA A 218 -15.39 23.15 9.14
CA ALA A 218 -16.75 22.66 8.94
C ALA A 218 -17.88 23.49 9.57
N LYS A 219 -17.63 24.04 10.75
CA LYS A 219 -18.66 24.83 11.46
C LYS A 219 -19.23 25.97 10.62
N HIS A 220 -18.40 26.57 9.77
CA HIS A 220 -18.84 27.68 8.92
C HIS A 220 -18.99 27.25 7.47
N ASP A 221 -19.07 25.95 7.24
CA ASP A 221 -19.20 25.43 5.88
C ASP A 221 -18.04 25.86 4.98
N ILE A 222 -16.86 26.04 5.55
CA ILE A 222 -15.71 26.40 4.75
C ILE A 222 -15.13 25.06 4.28
N ALA A 223 -14.93 24.91 2.98
CA ALA A 223 -14.39 23.66 2.43
C ALA A 223 -12.86 23.60 2.57
N MET A 224 -12.31 22.39 2.64
CA MET A 224 -10.87 22.23 2.76
C MET A 224 -10.35 21.39 1.59
N LEU A 225 -9.31 21.90 0.94
CA LEU A 225 -8.72 21.21 -0.19
C LEU A 225 -7.26 20.96 0.13
N THR A 226 -6.93 19.71 0.45
CA THR A 226 -5.56 19.35 0.78
C THR A 226 -4.75 18.97 -0.47
N VAL A 227 -3.45 19.23 -0.41
CA VAL A 227 -2.54 18.94 -1.51
C VAL A 227 -1.15 18.71 -0.95
N ASP A 228 -0.47 17.66 -1.42
CA ASP A 228 0.89 17.41 -0.95
C ASP A 228 1.84 18.30 -1.74
N MET A 229 2.87 18.79 -1.07
CA MET A 229 3.87 19.62 -1.75
C MET A 229 4.73 18.66 -2.58
N PRO A 230 5.46 19.20 -3.56
CA PRO A 230 6.32 18.35 -4.40
C PRO A 230 7.26 17.53 -3.53
N SER A 231 7.45 16.26 -3.90
CA SER A 231 8.31 15.29 -3.23
C SER A 231 7.66 14.64 -2.01
N VAL A 232 6.41 15.01 -1.74
CA VAL A 232 5.66 14.46 -0.60
C VAL A 232 4.40 13.71 -1.01
N GLY A 233 4.13 12.59 -0.35
CA GLY A 233 2.94 11.79 -0.61
C GLY A 233 2.56 11.58 -2.06
N TYR A 234 1.33 11.96 -2.40
CA TYR A 234 0.84 11.82 -3.77
C TYR A 234 1.66 12.61 -4.79
N SER A 235 2.37 13.64 -4.32
CA SER A 235 3.19 14.48 -5.20
C SER A 235 4.68 14.14 -5.13
N SER A 236 5.00 12.94 -4.64
CA SER A 236 6.37 12.50 -4.50
C SER A 236 7.18 12.51 -5.79
N LYS A 237 6.51 12.28 -6.93
CA LYS A 237 7.19 12.26 -8.22
C LYS A 237 7.50 13.63 -8.82
N TYR A 238 7.00 14.68 -8.17
CA TYR A 238 7.25 16.04 -8.62
C TYR A 238 8.48 16.53 -7.85
N PRO A 239 9.56 16.88 -8.56
CA PRO A 239 10.75 17.37 -7.86
C PRO A 239 10.47 18.66 -7.09
N LEU A 240 11.09 18.78 -5.92
CA LEU A 240 10.90 19.95 -5.07
C LEU A 240 11.84 21.07 -5.50
N THR A 241 11.56 21.66 -6.66
CA THR A 241 12.39 22.73 -7.20
C THR A 241 12.32 24.01 -6.39
N GLU A 242 12.71 25.12 -7.01
CA GLU A 242 12.69 26.43 -6.37
C GLU A 242 11.27 26.97 -6.44
N ASP A 243 10.51 26.48 -7.41
CA ASP A 243 9.13 26.88 -7.59
C ASP A 243 8.29 25.77 -6.95
N TYR A 244 8.47 25.59 -5.64
CA TYR A 244 7.77 24.55 -4.92
C TYR A 244 6.31 24.79 -4.58
N SER A 245 5.77 25.92 -5.01
CA SER A 245 4.37 26.23 -4.75
C SER A 245 3.53 26.00 -5.99
N ARG A 246 4.15 25.50 -7.05
CA ARG A 246 3.46 25.26 -8.33
C ARG A 246 2.28 24.29 -8.31
N LEU A 247 2.34 23.23 -7.50
CA LEU A 247 1.23 22.29 -7.45
C LEU A 247 0.02 22.96 -6.82
N HIS A 248 0.26 23.77 -5.79
CA HIS A 248 -0.84 24.49 -5.13
C HIS A 248 -1.36 25.55 -6.09
N GLN A 249 -0.45 26.10 -6.90
CA GLN A 249 -0.82 27.12 -7.88
C GLN A 249 -1.71 26.48 -8.97
N ALA A 250 -1.34 25.29 -9.43
CA ALA A 250 -2.14 24.59 -10.43
C ALA A 250 -3.51 24.21 -9.87
N VAL A 251 -3.55 23.87 -8.59
CA VAL A 251 -4.83 23.50 -7.96
C VAL A 251 -5.73 24.71 -7.88
N LEU A 252 -5.14 25.86 -7.59
CA LEU A 252 -5.87 27.11 -7.48
C LEU A 252 -6.56 27.40 -8.81
N ASN A 253 -5.87 27.13 -9.91
CA ASN A 253 -6.43 27.36 -11.25
C ASN A 253 -7.55 26.43 -11.65
N GLU A 254 -7.64 25.28 -11.00
CA GLU A 254 -8.70 24.33 -11.33
C GLU A 254 -9.99 24.73 -10.64
N LEU A 255 -9.86 25.51 -9.57
CA LEU A 255 -11.03 25.96 -8.80
C LEU A 255 -12.17 26.55 -9.63
N PHE A 256 -11.83 27.27 -10.69
CA PHE A 256 -12.88 27.85 -11.53
C PHE A 256 -13.83 26.77 -12.03
N SER A 257 -13.26 25.62 -12.37
CA SER A 257 -14.01 24.48 -12.88
C SER A 257 -14.75 23.62 -11.85
N ILE A 258 -14.38 23.75 -10.58
CA ILE A 258 -15.05 22.97 -9.52
C ILE A 258 -16.25 23.76 -9.03
N PRO A 259 -17.45 23.38 -9.46
CA PRO A 259 -18.71 24.05 -9.07
C PRO A 259 -19.05 23.97 -7.60
N TYR A 260 -18.37 23.09 -6.88
CA TYR A 260 -18.62 22.93 -5.46
C TYR A 260 -18.00 24.06 -4.65
N VAL A 261 -17.04 24.75 -5.24
CA VAL A 261 -16.38 25.83 -4.54
C VAL A 261 -16.56 27.21 -5.14
N ASP A 262 -16.49 28.20 -4.28
CA ASP A 262 -16.61 29.60 -4.68
C ASP A 262 -15.20 30.10 -4.92
N HIS A 263 -14.71 29.99 -6.15
CA HIS A 263 -13.35 30.42 -6.40
C HIS A 263 -13.12 31.90 -6.10
N HIS A 264 -14.17 32.63 -5.73
CA HIS A 264 -14.01 34.04 -5.38
C HIS A 264 -13.74 34.21 -3.90
N ARG A 265 -13.83 33.10 -3.15
CA ARG A 265 -13.58 33.11 -1.69
C ARG A 265 -12.60 32.01 -1.32
N VAL A 266 -11.35 32.21 -1.69
CA VAL A 266 -10.28 31.24 -1.45
C VAL A 266 -9.27 31.68 -0.41
N GLY A 267 -8.99 30.78 0.53
CA GLY A 267 -8.01 31.06 1.56
C GLY A 267 -6.89 30.02 1.50
N LEU A 268 -5.86 30.23 2.30
CA LEU A 268 -4.73 29.30 2.34
C LEU A 268 -4.24 29.12 3.75
N ILE A 269 -3.89 27.88 4.09
CA ILE A 269 -3.35 27.57 5.39
C ILE A 269 -2.10 26.73 5.10
N GLY A 270 -0.97 27.19 5.63
CA GLY A 270 0.27 26.49 5.42
C GLY A 270 0.93 26.19 6.74
N PHE A 271 1.31 24.93 6.92
CA PHE A 271 1.97 24.47 8.13
C PHE A 271 3.44 24.21 7.83
N ARG A 272 4.32 24.70 8.70
CA ARG A 272 5.75 24.51 8.53
C ARG A 272 6.21 24.94 7.13
N PHE A 273 6.98 24.09 6.43
CA PHE A 273 7.43 24.49 5.12
C PHE A 273 6.22 24.78 4.22
N GLY A 274 5.11 24.12 4.51
CA GLY A 274 3.91 24.37 3.74
C GLY A 274 3.60 25.87 3.80
N GLY A 275 3.84 26.49 4.95
CA GLY A 275 3.59 27.91 5.11
C GLY A 275 4.47 28.75 4.20
N ASN A 276 5.69 28.27 3.97
CA ASN A 276 6.66 28.94 3.09
C ASN A 276 6.06 28.98 1.69
N ALA A 277 5.42 27.88 1.30
CA ALA A 277 4.79 27.77 -0.01
C ALA A 277 3.57 28.67 -0.18
N MET A 278 2.75 28.81 0.87
CA MET A 278 1.55 29.65 0.78
C MET A 278 1.86 31.16 0.75
N VAL A 279 2.94 31.57 1.40
CA VAL A 279 3.34 32.97 1.40
C VAL A 279 3.68 33.28 -0.05
N ARG A 280 4.59 32.49 -0.60
CA ARG A 280 5.04 32.59 -1.98
C ARG A 280 3.84 32.67 -2.94
N LEU A 281 2.87 31.77 -2.77
CA LEU A 281 1.67 31.80 -3.61
C LEU A 281 0.86 33.06 -3.36
N SER A 282 0.87 33.55 -2.13
CA SER A 282 0.14 34.75 -1.75
C SER A 282 0.70 36.00 -2.44
N PHE A 283 1.92 35.92 -2.93
CA PHE A 283 2.55 37.04 -3.65
C PHE A 283 2.32 36.88 -5.16
N LEU A 284 2.30 35.62 -5.61
CA LEU A 284 2.12 35.28 -7.03
C LEU A 284 0.69 35.34 -7.54
N GLU A 285 -0.27 35.25 -6.65
CA GLU A 285 -1.68 35.27 -7.04
C GLU A 285 -2.46 36.15 -6.09
N GLN A 286 -2.07 37.43 -6.04
CA GLN A 286 -2.71 38.37 -5.15
C GLN A 286 -4.17 38.66 -5.40
N GLU A 287 -4.69 38.25 -6.56
CA GLU A 287 -6.10 38.50 -6.85
C GLU A 287 -7.04 37.34 -6.50
N LYS A 288 -6.58 36.10 -6.64
CA LYS A 288 -7.43 34.95 -6.35
C LYS A 288 -7.36 34.45 -4.89
N ILE A 289 -6.43 34.99 -4.13
CA ILE A 289 -6.28 34.61 -2.73
C ILE A 289 -6.83 35.73 -1.84
N LYS A 290 -7.81 35.42 -1.00
CA LYS A 290 -8.41 36.40 -0.12
C LYS A 290 -7.80 36.46 1.28
N ALA A 291 -7.03 35.45 1.66
CA ALA A 291 -6.40 35.41 2.98
C ALA A 291 -5.46 34.21 3.11
N CYS A 292 -4.47 34.34 3.98
CA CYS A 292 -3.51 33.28 4.19
C CYS A 292 -3.06 33.25 5.65
N VAL A 293 -2.97 32.04 6.19
CA VAL A 293 -2.51 31.84 7.58
C VAL A 293 -1.36 30.85 7.55
N ILE A 294 -0.31 31.13 8.29
CA ILE A 294 0.80 30.19 8.37
C ILE A 294 1.18 29.94 9.82
N LEU A 295 1.58 28.70 10.08
CA LEU A 295 1.97 28.30 11.42
C LEU A 295 3.30 27.56 11.37
N GLY A 296 4.25 28.02 12.17
CA GLY A 296 5.56 27.39 12.26
C GLY A 296 6.31 27.28 10.95
N ALA A 297 6.14 28.26 10.09
CA ALA A 297 6.79 28.25 8.80
C ALA A 297 8.20 28.82 8.82
N PRO A 298 9.16 28.10 8.21
CA PRO A 298 10.56 28.55 8.14
C PRO A 298 10.60 29.49 6.94
N ILE A 299 10.62 30.79 7.24
CA ILE A 299 10.61 31.81 6.20
C ILE A 299 11.98 32.28 5.76
N HIS A 300 12.87 32.49 6.72
CA HIS A 300 14.20 32.98 6.39
C HIS A 300 15.34 32.61 7.33
N ASP A 301 15.16 32.86 8.62
CA ASP A 301 16.21 32.60 9.57
C ASP A 301 17.01 31.32 9.38
N ILE A 302 16.35 30.17 9.55
CA ILE A 302 17.04 28.89 9.41
C ILE A 302 17.73 28.67 8.06
N PHE A 303 17.08 29.00 6.96
CA PHE A 303 17.69 28.80 5.64
C PHE A 303 18.84 29.77 5.37
N ALA A 304 18.88 30.87 6.10
CA ALA A 304 19.94 31.86 5.90
C ALA A 304 21.05 31.67 6.91
N SER A 305 20.90 30.70 7.81
CA SER A 305 21.91 30.42 8.84
C SER A 305 22.34 28.95 8.77
N PRO A 306 23.43 28.66 8.05
CA PRO A 306 23.93 27.30 7.92
C PRO A 306 24.41 26.73 9.24
N GLN A 307 24.78 27.64 10.14
CA GLN A 307 25.27 27.26 11.47
C GLN A 307 24.15 26.69 12.34
N LYS A 308 22.95 27.24 12.19
CA LYS A 308 21.81 26.76 12.96
C LYS A 308 21.32 25.46 12.34
N LEU A 309 21.23 25.45 11.02
CA LEU A 309 20.75 24.29 10.28
C LEU A 309 21.63 23.08 10.60
N GLN A 310 22.94 23.30 10.60
CA GLN A 310 23.90 22.24 10.89
C GLN A 310 23.70 21.59 12.25
N GLN A 311 23.04 22.30 13.15
CA GLN A 311 22.77 21.79 14.49
C GLN A 311 21.36 21.22 14.64
N MET A 312 20.64 21.06 13.54
CA MET A 312 19.30 20.51 13.64
C MET A 312 19.38 19.00 13.92
N PRO A 313 18.32 18.42 14.50
CA PRO A 313 18.38 16.97 14.78
C PRO A 313 18.51 16.19 13.47
N LYS A 314 19.04 14.98 13.55
CA LYS A 314 19.21 14.14 12.37
C LYS A 314 17.90 13.90 11.57
N MET A 315 16.77 13.73 12.26
CA MET A 315 15.53 13.48 11.55
C MET A 315 15.14 14.65 10.66
N TYR A 316 15.43 15.86 11.12
CA TYR A 316 15.11 17.04 10.35
C TYR A 316 15.91 17.03 9.05
N LEU A 317 17.21 16.75 9.14
CA LEU A 317 18.06 16.72 7.96
C LEU A 317 17.72 15.53 7.05
N ASP A 318 17.46 14.36 7.64
CA ASP A 318 17.09 13.18 6.86
C ASP A 318 15.92 13.51 5.94
N VAL A 319 14.96 14.26 6.47
CA VAL A 319 13.78 14.65 5.69
C VAL A 319 14.18 15.58 4.54
N LEU A 320 14.98 16.59 4.85
CA LEU A 320 15.44 17.54 3.83
C LEU A 320 16.14 16.77 2.72
N ALA A 321 17.09 15.91 3.10
CA ALA A 321 17.83 15.12 2.13
C ALA A 321 16.93 14.23 1.28
N SER A 322 15.91 13.63 1.90
CA SER A 322 15.01 12.75 1.18
C SER A 322 14.14 13.52 0.18
N ARG A 323 13.64 14.66 0.60
CA ARG A 323 12.80 15.46 -0.26
C ARG A 323 13.60 16.10 -1.39
N LEU A 324 14.84 16.50 -1.11
CA LEU A 324 15.67 17.10 -2.15
C LEU A 324 16.30 16.01 -3.01
N GLY A 325 16.02 14.75 -2.66
CA GLY A 325 16.57 13.63 -3.42
C GLY A 325 18.07 13.43 -3.43
N LYS A 326 18.73 13.59 -2.29
CA LYS A 326 20.18 13.40 -2.23
C LYS A 326 20.54 11.93 -2.06
N SER A 327 21.68 11.52 -2.62
CA SER A 327 22.13 10.15 -2.48
C SER A 327 23.00 10.06 -1.22
N VAL A 328 24.02 10.90 -1.15
CA VAL A 328 24.87 10.92 0.05
C VAL A 328 24.79 12.36 0.52
N VAL A 329 24.65 12.56 1.82
CA VAL A 329 24.50 13.88 2.37
C VAL A 329 25.70 14.51 3.04
N ASP A 330 25.98 15.75 2.63
CA ASP A 330 27.05 16.54 3.21
C ASP A 330 26.31 17.70 3.87
N ILE A 331 26.23 17.66 5.20
CA ILE A 331 25.53 18.69 5.96
C ILE A 331 26.01 20.10 5.68
N TYR A 332 27.30 20.26 5.38
CA TYR A 332 27.85 21.58 5.09
C TYR A 332 27.29 22.13 3.79
N SER A 333 27.33 21.32 2.74
CA SER A 333 26.81 21.76 1.46
C SER A 333 25.30 21.92 1.52
N LEU A 334 24.63 20.98 2.19
CA LEU A 334 23.18 21.01 2.31
C LEU A 334 22.70 22.29 2.98
N SER A 335 23.37 22.68 4.05
CA SER A 335 23.00 23.91 4.73
C SER A 335 23.14 25.08 3.74
N GLY A 336 24.14 25.02 2.87
CA GLY A 336 24.36 26.08 1.90
C GLY A 336 23.31 26.11 0.80
N GLN A 337 22.85 24.91 0.41
CA GLN A 337 21.84 24.76 -0.61
C GLN A 337 20.49 25.35 -0.20
N MET A 338 20.19 25.32 1.09
CA MET A 338 18.89 25.82 1.58
C MET A 338 18.63 27.31 1.54
N ALA A 339 19.68 28.11 1.37
CA ALA A 339 19.50 29.55 1.31
C ALA A 339 18.43 29.86 0.25
N ALA A 340 18.44 29.09 -0.82
CA ALA A 340 17.47 29.28 -1.90
C ALA A 340 16.01 29.23 -1.43
N TRP A 341 15.78 28.70 -0.23
CA TRP A 341 14.42 28.61 0.26
C TRP A 341 13.93 29.83 1.05
N SER A 342 14.85 30.72 1.40
CA SER A 342 14.45 31.94 2.12
C SER A 342 13.56 32.78 1.21
N LEU A 343 12.41 33.21 1.73
CA LEU A 343 11.52 34.03 0.90
C LEU A 343 12.13 35.41 0.70
N LYS A 344 13.09 35.77 1.55
CA LYS A 344 13.77 37.05 1.44
C LYS A 344 14.79 36.94 0.30
N VAL A 345 15.59 35.89 0.35
CA VAL A 345 16.61 35.63 -0.68
C VAL A 345 15.94 35.55 -2.06
N GLN A 346 14.69 35.08 -2.10
CA GLN A 346 13.96 34.96 -3.34
C GLN A 346 13.42 36.31 -3.84
N GLY A 347 13.48 37.32 -2.97
CA GLY A 347 13.01 38.65 -3.34
C GLY A 347 11.55 38.95 -3.04
N PHE A 348 10.82 37.98 -2.50
CA PHE A 348 9.42 38.21 -2.18
C PHE A 348 9.23 39.14 -1.01
N LEU A 349 10.12 39.03 -0.02
CA LEU A 349 10.05 39.86 1.17
C LEU A 349 11.12 40.94 1.11
N SER A 350 10.90 41.94 0.25
CA SER A 350 11.86 43.03 0.11
C SER A 350 11.28 44.32 -0.47
N SER A 351 10.60 44.22 -1.60
CA SER A 351 10.03 45.41 -2.23
C SER A 351 8.63 45.80 -1.77
N ARG A 352 7.67 45.56 -2.65
CA ARG A 352 6.26 45.88 -2.40
C ARG A 352 5.55 44.82 -1.57
N LYS A 353 4.53 45.24 -0.84
CA LYS A 353 3.73 44.35 -0.01
C LYS A 353 2.73 43.63 -0.89
N THR A 354 2.25 42.46 -0.43
CA THR A 354 1.24 41.74 -1.18
C THR A 354 -0.10 42.24 -0.64
N LYS A 355 -1.11 42.30 -1.50
CA LYS A 355 -2.42 42.74 -1.07
C LYS A 355 -3.11 41.69 -0.21
N VAL A 356 -2.61 40.46 -0.23
CA VAL A 356 -3.21 39.38 0.55
C VAL A 356 -2.93 39.52 2.04
N PRO A 357 -3.99 39.44 2.87
CA PRO A 357 -3.87 39.56 4.33
C PRO A 357 -3.23 38.27 4.90
N ILE A 358 -2.01 38.36 5.41
CA ILE A 358 -1.38 37.16 5.95
C ILE A 358 -1.18 37.18 7.47
N LEU A 359 -1.66 36.12 8.13
CA LEU A 359 -1.49 35.93 9.56
C LEU A 359 -0.34 34.93 9.72
N ALA A 360 0.76 35.36 10.31
CA ALA A 360 1.91 34.49 10.49
C ALA A 360 2.22 34.28 11.96
N MET A 361 2.18 33.03 12.39
CA MET A 361 2.44 32.74 13.78
C MET A 361 3.24 31.46 14.00
N SER A 362 3.78 31.32 15.20
CA SER A 362 4.55 30.15 15.56
C SER A 362 4.65 30.14 17.08
N LEU A 363 5.02 28.99 17.63
CA LEU A 363 5.13 28.86 19.08
C LEU A 363 6.43 29.42 19.62
N GLU A 364 6.37 29.88 20.87
CA GLU A 364 7.51 30.42 21.55
C GLU A 364 8.66 29.42 21.53
N GLY A 365 9.81 29.84 21.01
CA GLY A 365 10.97 28.98 20.96
C GLY A 365 11.04 27.94 19.86
N ASP A 366 10.45 28.21 18.71
CA ASP A 366 10.53 27.26 17.60
C ASP A 366 11.84 27.63 16.91
N PRO A 367 12.78 26.67 16.80
CA PRO A 367 14.06 26.96 16.15
C PRO A 367 13.95 26.97 14.63
N VAL A 368 12.75 26.72 14.14
CA VAL A 368 12.53 26.69 12.70
C VAL A 368 11.77 27.93 12.23
N SER A 369 10.92 28.48 13.08
CA SER A 369 10.11 29.64 12.73
C SER A 369 10.13 30.71 13.81
N PRO A 370 11.23 31.47 13.91
CA PRO A 370 11.34 32.54 14.91
C PRO A 370 10.33 33.67 14.66
N TYR A 371 10.07 34.46 15.70
CA TYR A 371 9.13 35.57 15.61
C TYR A 371 9.58 36.59 14.57
N SER A 372 10.90 36.76 14.42
CA SER A 372 11.44 37.70 13.45
C SER A 372 11.06 37.26 12.04
N ASP A 373 10.98 35.95 11.85
CA ASP A 373 10.60 35.41 10.54
C ASP A 373 9.17 35.79 10.22
N ASN A 374 8.28 35.63 11.20
CA ASN A 374 6.87 35.94 10.98
C ASN A 374 6.59 37.44 10.92
N GLN A 375 7.40 38.25 11.63
CA GLN A 375 7.23 39.70 11.58
C GLN A 375 7.56 40.16 10.17
N MET A 376 8.59 39.54 9.59
CA MET A 376 9.00 39.86 8.23
C MET A 376 7.83 39.66 7.28
N VAL A 377 7.17 38.51 7.40
CA VAL A 377 6.02 38.20 6.55
C VAL A 377 4.86 39.17 6.74
N ALA A 378 4.58 39.54 7.99
CA ALA A 378 3.48 40.45 8.26
C ALA A 378 3.78 41.82 7.66
N PHE A 379 5.01 42.27 7.80
CA PHE A 379 5.44 43.56 7.28
C PHE A 379 5.16 43.69 5.79
N PHE A 380 5.49 42.64 5.04
CA PHE A 380 5.31 42.66 3.60
C PHE A 380 3.93 42.21 3.17
N SER A 381 2.97 42.34 4.09
CA SER A 381 1.59 41.99 3.85
C SER A 381 0.67 43.11 4.29
N THR A 382 -0.15 43.61 3.37
CA THR A 382 -1.08 44.68 3.69
C THR A 382 -2.09 44.11 4.69
N TYR A 383 -2.17 44.74 5.86
CA TYR A 383 -3.07 44.29 6.91
C TYR A 383 -2.61 42.93 7.44
N GLY A 384 -1.34 42.61 7.18
CA GLY A 384 -0.80 41.35 7.67
C GLY A 384 -0.48 41.46 9.16
N LYS A 385 -0.33 40.31 9.82
CA LYS A 385 -0.01 40.32 11.26
C LYS A 385 0.80 39.10 11.67
N ALA A 386 1.76 39.33 12.55
CA ALA A 386 2.61 38.27 13.08
C ALA A 386 2.13 38.05 14.50
N LYS A 387 2.28 36.84 15.01
CA LYS A 387 1.84 36.53 16.36
C LYS A 387 2.74 35.48 16.97
N LYS A 388 3.03 35.63 18.25
CA LYS A 388 3.88 34.68 18.94
C LYS A 388 3.06 34.00 20.02
N ILE A 389 2.82 32.70 19.86
CA ILE A 389 2.06 31.94 20.84
C ILE A 389 3.03 31.54 21.94
N SER A 390 3.11 32.39 22.97
CA SER A 390 4.02 32.20 24.09
C SER A 390 3.94 30.86 24.80
N SER A 391 2.97 30.03 24.41
CA SER A 391 2.81 28.71 25.03
C SER A 391 3.90 27.71 24.62
N LYS A 392 4.06 26.68 25.45
CA LYS A 392 5.03 25.62 25.19
C LYS A 392 4.30 24.29 25.32
N THR A 393 3.06 24.37 25.78
CA THR A 393 2.22 23.19 25.93
C THR A 393 1.35 23.11 24.68
N ILE A 394 1.25 21.91 24.10
CA ILE A 394 0.46 21.71 22.88
C ILE A 394 -1.01 22.08 23.05
N THR A 395 -1.61 21.57 24.11
CA THR A 395 -3.03 21.84 24.38
C THR A 395 -3.41 23.31 24.20
N GLN A 396 -2.65 24.20 24.81
CA GLN A 396 -2.89 25.64 24.70
C GLN A 396 -2.36 26.21 23.37
N GLY A 397 -1.15 25.78 22.99
CA GLY A 397 -0.54 26.26 21.76
C GLY A 397 -1.33 25.94 20.51
N TYR A 398 -1.98 24.78 20.48
CA TYR A 398 -2.78 24.33 19.33
C TYR A 398 -4.11 25.07 19.24
N GLU A 399 -4.91 24.97 20.30
CA GLU A 399 -6.21 25.63 20.32
C GLU A 399 -6.08 27.13 20.08
N GLN A 400 -5.11 27.76 20.73
CA GLN A 400 -4.91 29.20 20.56
C GLN A 400 -4.53 29.53 19.13
N SER A 401 -3.48 28.90 18.61
CA SER A 401 -3.03 29.18 17.25
C SER A 401 -4.10 28.87 16.19
N LEU A 402 -4.78 27.74 16.36
CA LEU A 402 -5.82 27.34 15.40
C LEU A 402 -7.05 28.21 15.50
N ASP A 403 -7.42 28.60 16.73
CA ASP A 403 -8.58 29.45 16.95
C ASP A 403 -8.31 30.81 16.31
N LEU A 404 -7.06 31.25 16.36
CA LEU A 404 -6.67 32.51 15.76
C LEU A 404 -6.74 32.38 14.24
N ALA A 405 -6.26 31.26 13.73
CA ALA A 405 -6.26 31.02 12.30
C ALA A 405 -7.68 31.07 11.69
N ILE A 406 -8.57 30.23 12.21
CA ILE A 406 -9.93 30.19 11.72
C ILE A 406 -10.62 31.56 11.75
N LYS A 407 -10.45 32.31 12.85
CA LYS A 407 -11.04 33.65 12.96
C LYS A 407 -10.57 34.55 11.81
N TRP A 408 -9.27 34.55 11.57
CA TRP A 408 -8.66 35.34 10.51
C TRP A 408 -9.25 34.97 9.15
N LEU A 409 -9.38 33.67 8.92
CA LEU A 409 -9.94 33.16 7.68
C LEU A 409 -11.40 33.52 7.51
N GLU A 410 -12.19 33.28 8.56
CA GLU A 410 -13.62 33.58 8.50
C GLU A 410 -13.90 35.04 8.16
N ASP A 411 -13.16 35.95 8.79
CA ASP A 411 -13.36 37.38 8.53
C ASP A 411 -13.24 37.70 7.06
N GLU A 412 -12.24 37.12 6.41
CA GLU A 412 -12.06 37.38 4.99
C GLU A 412 -12.94 36.51 4.10
N LEU A 413 -12.94 35.21 4.34
CA LEU A 413 -13.72 34.28 3.54
C LEU A 413 -15.23 34.31 3.69
N LEU A 414 -15.73 34.61 4.89
CA LEU A 414 -17.18 34.65 5.08
C LEU A 414 -17.70 36.06 4.86
N ARG A 415 -16.96 36.82 4.05
CA ARG A 415 -17.31 38.18 3.73
C ARG A 415 -17.68 38.30 2.24
N LYS B 21 -19.44 1.03 -3.18
CA LYS B 21 -18.58 0.43 -4.25
C LYS B 21 -18.01 -0.92 -3.78
N GLU B 22 -18.92 -1.87 -3.60
CA GLU B 22 -18.60 -3.23 -3.17
C GLU B 22 -18.00 -4.04 -4.32
N THR B 23 -17.02 -4.88 -3.99
CA THR B 23 -16.29 -5.71 -4.95
C THR B 23 -17.00 -6.22 -6.21
N SER B 24 -18.12 -6.94 -6.02
CA SER B 24 -18.83 -7.53 -7.16
C SER B 24 -19.41 -6.53 -8.15
N ALA B 25 -19.53 -5.27 -7.77
CA ALA B 25 -20.09 -4.27 -8.67
C ALA B 25 -19.03 -3.30 -9.20
N LEU B 26 -17.76 -3.51 -8.85
CA LEU B 26 -16.73 -2.60 -9.31
C LEU B 26 -16.53 -2.69 -10.82
N THR B 27 -16.54 -3.90 -11.37
CA THR B 27 -16.30 -4.05 -12.80
C THR B 27 -17.53 -3.72 -13.64
N GLN B 28 -17.36 -2.82 -14.58
CA GLN B 28 -18.45 -2.42 -15.45
C GLN B 28 -18.45 -3.25 -16.71
N TYR B 29 -19.65 -3.55 -17.19
CA TYR B 29 -19.86 -4.37 -18.37
C TYR B 29 -20.75 -3.69 -19.40
N MET B 30 -20.59 -4.07 -20.66
CA MET B 30 -21.39 -3.54 -21.75
C MET B 30 -22.79 -4.10 -21.60
N PRO B 31 -23.81 -3.35 -22.06
CA PRO B 31 -25.21 -3.76 -21.97
C PRO B 31 -25.44 -5.23 -22.32
N THR B 32 -24.98 -5.65 -23.49
CA THR B 32 -25.20 -7.04 -23.87
C THR B 32 -24.49 -8.03 -22.96
N SER B 33 -23.39 -7.59 -22.34
CA SER B 33 -22.66 -8.46 -21.41
C SER B 33 -23.46 -8.54 -20.10
N GLN B 34 -24.09 -7.43 -19.71
CA GLN B 34 -24.88 -7.41 -18.48
C GLN B 34 -25.98 -8.46 -18.59
N SER B 35 -26.56 -8.58 -19.78
CA SER B 35 -27.62 -9.56 -20.02
C SER B 35 -27.03 -10.97 -19.90
N LEU B 36 -25.88 -11.18 -20.53
CA LEU B 36 -25.21 -12.48 -20.47
C LEU B 36 -24.92 -12.81 -19.00
N LEU B 37 -24.35 -11.85 -18.28
CA LEU B 37 -24.04 -12.05 -16.87
C LEU B 37 -25.28 -12.47 -16.09
N ASP B 38 -26.40 -11.80 -16.33
CA ASP B 38 -27.63 -12.12 -15.62
C ASP B 38 -28.11 -13.53 -15.90
N GLU B 39 -27.94 -14.00 -17.13
CA GLU B 39 -28.33 -15.35 -17.52
C GLU B 39 -27.44 -16.40 -16.87
N ILE B 40 -26.14 -16.18 -16.90
CA ILE B 40 -25.19 -17.11 -16.32
C ILE B 40 -25.51 -17.22 -14.83
N LYS B 41 -25.74 -16.07 -14.21
CA LYS B 41 -26.05 -16.03 -12.79
C LYS B 41 -27.30 -16.86 -12.50
N GLU B 42 -28.33 -16.68 -13.33
CA GLU B 42 -29.58 -17.41 -13.14
C GLU B 42 -29.36 -18.90 -13.34
N LYS B 43 -28.59 -19.26 -14.36
CA LYS B 43 -28.31 -20.67 -14.64
C LYS B 43 -27.52 -21.31 -13.50
N ASN B 44 -26.46 -20.62 -13.05
CA ASN B 44 -25.61 -21.13 -11.97
C ASN B 44 -26.41 -21.36 -10.70
N GLY B 45 -27.19 -20.37 -10.30
CA GLY B 45 -27.95 -20.49 -9.08
C GLY B 45 -27.06 -20.47 -7.84
N PHE B 46 -25.78 -20.13 -8.02
CA PHE B 46 -24.83 -20.07 -6.89
C PHE B 46 -25.24 -19.03 -5.87
N SER B 47 -24.93 -19.31 -4.61
CA SER B 47 -25.25 -18.38 -3.53
C SER B 47 -24.10 -17.45 -3.21
N TRP B 48 -23.09 -17.45 -4.07
CA TRP B 48 -21.89 -16.61 -3.86
C TRP B 48 -21.34 -15.95 -5.12
N TYR B 49 -20.81 -14.74 -4.97
CA TYR B 49 -20.17 -14.05 -6.08
C TYR B 49 -18.82 -14.74 -6.26
N ARG B 50 -18.05 -14.75 -5.18
CA ARG B 50 -16.74 -15.35 -5.24
C ARG B 50 -16.78 -16.86 -5.39
N ASN B 51 -15.77 -17.38 -6.09
CA ASN B 51 -15.62 -18.81 -6.26
C ASN B 51 -14.98 -19.23 -4.94
N LEU B 52 -15.70 -20.04 -4.16
CA LEU B 52 -15.17 -20.50 -2.88
C LEU B 52 -14.22 -21.65 -3.11
N ARG B 53 -13.04 -21.61 -2.48
CA ARG B 53 -12.10 -22.71 -2.62
C ARG B 53 -11.76 -23.21 -1.23
N ARG B 54 -12.80 -23.62 -0.51
CA ARG B 54 -12.66 -24.07 0.86
C ARG B 54 -11.63 -25.17 1.04
N LEU B 55 -11.66 -26.18 0.19
CA LEU B 55 -10.68 -27.25 0.32
C LEU B 55 -9.25 -26.75 0.13
N GLN B 56 -9.03 -25.99 -0.95
CA GLN B 56 -7.71 -25.47 -1.25
C GLN B 56 -7.21 -24.51 -0.18
N TRP B 57 -8.09 -23.62 0.30
CA TRP B 57 -7.69 -22.67 1.34
C TRP B 57 -7.33 -23.41 2.62
N VAL B 58 -7.96 -24.55 2.89
CA VAL B 58 -7.59 -25.35 4.06
C VAL B 58 -6.21 -25.94 3.81
N TRP B 59 -6.01 -26.49 2.61
CA TRP B 59 -4.72 -27.06 2.23
C TRP B 59 -3.63 -25.99 2.36
N GLN B 60 -3.98 -24.74 2.03
CA GLN B 60 -3.03 -23.63 2.14
C GLN B 60 -2.79 -23.24 3.61
N GLY B 61 -3.66 -23.69 4.51
CA GLY B 61 -3.43 -23.37 5.91
C GLY B 61 -4.55 -22.81 6.75
N VAL B 62 -5.70 -22.50 6.14
CA VAL B 62 -6.81 -21.96 6.90
C VAL B 62 -7.50 -23.07 7.69
N ASP B 63 -7.74 -22.84 8.97
CA ASP B 63 -8.43 -23.82 9.79
C ASP B 63 -9.87 -23.96 9.27
N PRO B 64 -10.32 -25.22 9.08
CA PRO B 64 -11.68 -25.51 8.57
C PRO B 64 -12.78 -24.89 9.40
N ILE B 65 -12.60 -24.93 10.72
CA ILE B 65 -13.60 -24.39 11.61
C ILE B 65 -13.63 -22.86 11.63
N GLU B 66 -12.46 -22.23 11.52
CA GLU B 66 -12.45 -20.77 11.51
C GLU B 66 -13.05 -20.29 10.18
N GLN B 67 -12.76 -21.03 9.11
CA GLN B 67 -13.31 -20.69 7.81
C GLN B 67 -14.84 -20.78 7.86
N GLU B 68 -15.32 -21.88 8.42
CA GLU B 68 -16.76 -22.10 8.54
C GLU B 68 -17.41 -20.94 9.28
N GLN B 69 -16.76 -20.49 10.34
CA GLN B 69 -17.26 -19.39 11.17
C GLN B 69 -17.27 -18.05 10.41
N VAL B 70 -16.19 -17.75 9.73
CA VAL B 70 -16.08 -16.52 8.94
C VAL B 70 -17.17 -16.49 7.86
N LEU B 71 -17.25 -17.56 7.10
CA LEU B 71 -18.23 -17.66 6.03
C LEU B 71 -19.66 -17.64 6.55
N ALA B 72 -19.88 -18.17 7.76
CA ALA B 72 -21.23 -18.19 8.32
C ALA B 72 -21.61 -16.76 8.74
N ARG B 73 -20.64 -16.02 9.25
CA ARG B 73 -20.92 -14.64 9.65
C ARG B 73 -21.25 -13.83 8.40
N ILE B 74 -20.52 -14.12 7.31
CA ILE B 74 -20.76 -13.42 6.05
C ILE B 74 -22.17 -13.78 5.56
N ALA B 75 -22.49 -15.07 5.63
CA ALA B 75 -23.76 -15.60 5.19
C ALA B 75 -24.97 -15.16 6.00
N SER B 76 -24.82 -15.08 7.33
CA SER B 76 -25.95 -14.71 8.19
C SER B 76 -26.25 -13.22 8.30
N SER B 77 -25.28 -12.37 7.96
CA SER B 77 -25.49 -10.92 8.06
C SER B 77 -26.81 -10.42 7.46
N LYS B 78 -27.42 -9.45 8.12
CA LYS B 78 -28.69 -8.86 7.67
C LYS B 78 -28.41 -7.54 6.99
N HIS B 79 -27.13 -7.16 6.90
CA HIS B 79 -26.78 -5.91 6.25
C HIS B 79 -27.04 -6.04 4.75
N SER B 80 -27.40 -4.92 4.12
CA SER B 80 -27.70 -4.87 2.70
C SER B 80 -26.56 -5.37 1.82
N ARG B 81 -26.92 -6.19 0.84
CA ARG B 81 -25.96 -6.74 -0.09
C ARG B 81 -26.14 -6.11 -1.48
N THR B 82 -25.13 -6.23 -2.33
CA THR B 82 -25.22 -5.67 -3.66
C THR B 82 -26.22 -6.55 -4.40
N ASP B 83 -26.20 -7.83 -4.07
CA ASP B 83 -27.11 -8.80 -4.67
C ASP B 83 -27.42 -9.83 -3.60
N GLU B 84 -28.64 -9.79 -3.09
CA GLU B 84 -29.04 -10.73 -2.05
C GLU B 84 -28.85 -12.18 -2.42
N GLN B 85 -28.77 -12.48 -3.71
CA GLN B 85 -28.55 -13.87 -4.10
C GLN B 85 -27.10 -14.26 -3.76
N TRP B 86 -26.21 -13.27 -3.70
CA TRP B 86 -24.80 -13.50 -3.40
C TRP B 86 -24.48 -13.07 -1.97
N LEU B 87 -24.44 -14.06 -1.09
CA LEU B 87 -24.19 -13.87 0.33
C LEU B 87 -22.99 -13.01 0.69
N ASP B 88 -21.92 -13.10 -0.11
CA ASP B 88 -20.71 -12.34 0.14
C ASP B 88 -20.67 -10.92 -0.46
N THR B 89 -21.82 -10.31 -0.70
CA THR B 89 -21.82 -8.95 -1.24
C THR B 89 -22.36 -7.86 -0.33
N VAL B 90 -22.21 -8.06 0.99
CA VAL B 90 -22.60 -7.03 1.96
C VAL B 90 -21.78 -5.81 1.53
N MET B 91 -22.46 -4.70 1.27
CA MET B 91 -21.82 -3.49 0.78
C MET B 91 -20.95 -2.65 1.71
N GLY B 92 -21.42 -2.40 2.94
CA GLY B 92 -20.61 -1.59 3.84
C GLY B 92 -19.44 -2.34 4.47
N TYR B 93 -18.42 -1.59 4.89
CA TYR B 93 -17.27 -2.22 5.54
C TYR B 93 -17.64 -2.32 7.01
N HIS B 94 -18.24 -3.45 7.38
CA HIS B 94 -18.67 -3.73 8.74
C HIS B 94 -19.00 -5.21 8.80
N SER B 95 -19.51 -5.70 9.93
CA SER B 95 -19.80 -7.14 10.05
C SER B 95 -20.64 -7.62 8.88
N GLY B 96 -20.25 -8.76 8.33
CA GLY B 96 -20.94 -9.30 7.17
C GLY B 96 -20.12 -9.13 5.90
N ASN B 97 -19.39 -8.02 5.81
CA ASN B 97 -18.54 -7.71 4.66
C ASN B 97 -17.47 -8.78 4.56
N TRP B 98 -17.23 -9.24 3.35
CA TRP B 98 -16.24 -10.29 3.10
C TRP B 98 -14.84 -9.91 3.55
N ALA B 99 -14.36 -8.76 3.11
CA ALA B 99 -13.02 -8.31 3.48
C ALA B 99 -12.92 -8.13 5.00
N TYR B 100 -13.98 -7.59 5.60
CA TYR B 100 -13.96 -7.35 7.04
C TYR B 100 -13.88 -8.62 7.90
N GLU B 101 -14.74 -9.59 7.62
CA GLU B 101 -14.77 -10.81 8.42
C GLU B 101 -13.46 -11.60 8.30
N TRP B 102 -12.91 -11.68 7.09
CA TRP B 102 -11.65 -12.38 6.90
C TRP B 102 -10.51 -11.62 7.55
N THR B 103 -10.58 -10.30 7.51
CA THR B 103 -9.56 -9.47 8.13
C THR B 103 -9.61 -9.67 9.65
N ARG B 104 -10.83 -9.77 10.19
CA ARG B 104 -10.95 -10.00 11.64
C ARG B 104 -10.29 -11.31 12.05
N LEU B 105 -10.40 -12.34 11.21
CA LEU B 105 -9.78 -13.62 11.56
C LEU B 105 -8.26 -13.45 11.50
N GLY B 106 -7.78 -12.78 10.46
CA GLY B 106 -6.35 -12.57 10.36
C GLY B 106 -5.82 -11.83 11.56
N MET B 107 -6.55 -10.82 12.01
CA MET B 107 -6.12 -10.06 13.17
C MET B 107 -6.09 -10.94 14.41
N GLU B 108 -7.04 -11.86 14.54
CA GLU B 108 -7.08 -12.74 15.69
C GLU B 108 -5.82 -13.60 15.74
N HIS B 109 -5.37 -14.11 14.59
CA HIS B 109 -4.16 -14.91 14.53
C HIS B 109 -2.94 -14.07 14.88
N GLN B 110 -2.89 -12.87 14.29
CA GLN B 110 -1.79 -11.92 14.48
C GLN B 110 -1.67 -11.42 15.92
N LYS B 111 -2.80 -11.17 16.58
CA LYS B 111 -2.80 -10.69 17.96
C LYS B 111 -2.22 -11.74 18.89
N ARG B 112 -2.76 -12.95 18.76
CA ARG B 112 -2.33 -14.09 19.57
C ARG B 112 -0.82 -14.31 19.53
N ALA B 113 -0.20 -14.00 18.39
CA ALA B 113 1.25 -14.16 18.22
C ALA B 113 2.03 -13.26 19.17
N GLY B 114 1.31 -12.45 19.93
CA GLY B 114 1.95 -11.55 20.88
C GLY B 114 2.95 -12.17 21.85
N GLU B 115 2.46 -13.01 22.75
CA GLU B 115 3.33 -13.64 23.74
C GLU B 115 3.71 -15.09 23.45
N MET B 116 3.90 -15.42 22.18
CA MET B 116 4.26 -16.77 21.78
C MET B 116 5.76 -16.88 21.53
N THR B 117 6.24 -18.12 21.44
CA THR B 117 7.65 -18.36 21.15
C THR B 117 7.80 -17.92 19.70
N ASN B 118 9.03 -17.70 19.25
CA ASN B 118 9.23 -17.24 17.88
C ASN B 118 8.63 -18.17 16.80
N GLU B 119 8.86 -19.48 16.93
CA GLU B 119 8.33 -20.43 15.95
C GLU B 119 6.79 -20.40 15.89
N ALA B 120 6.15 -20.53 17.04
CA ALA B 120 4.70 -20.53 17.10
C ALA B 120 4.14 -19.19 16.64
N ALA B 121 4.87 -18.11 16.90
CA ALA B 121 4.41 -16.80 16.48
C ALA B 121 4.60 -16.66 14.97
N SER B 122 5.68 -17.25 14.47
CA SER B 122 5.95 -17.20 13.03
C SER B 122 4.76 -17.83 12.30
N GLU B 123 4.38 -19.04 12.70
CA GLU B 123 3.27 -19.75 12.08
C GLU B 123 1.95 -19.00 12.26
N ALA B 124 1.76 -18.35 13.40
CA ALA B 124 0.54 -17.59 13.64
C ALA B 124 0.50 -16.43 12.63
N LEU B 125 1.66 -15.86 12.32
CA LEU B 125 1.73 -14.74 11.39
C LEU B 125 1.56 -15.19 9.94
N PHE B 126 1.98 -16.40 9.61
CA PHE B 126 1.81 -16.89 8.25
C PHE B 126 0.31 -17.12 8.02
N SER B 127 -0.40 -17.58 9.06
CA SER B 127 -1.83 -17.83 8.98
C SER B 127 -2.53 -16.49 8.82
N ALA B 128 -2.04 -15.49 9.54
CA ALA B 128 -2.60 -14.15 9.46
C ALA B 128 -2.52 -13.66 8.01
N SER B 129 -1.33 -13.78 7.42
CA SER B 129 -1.06 -13.37 6.05
C SER B 129 -2.05 -14.00 5.04
N LEU B 130 -2.32 -15.29 5.17
CA LEU B 130 -3.25 -15.96 4.25
C LEU B 130 -4.67 -15.42 4.39
N CYS B 131 -5.06 -15.12 5.62
CA CYS B 131 -6.40 -14.62 5.89
C CYS B 131 -6.59 -13.26 5.26
N TYR B 132 -5.55 -12.43 5.33
CA TYR B 132 -5.60 -11.09 4.73
C TYR B 132 -5.68 -11.22 3.21
N SER B 133 -4.93 -12.16 2.63
CA SER B 133 -4.96 -12.39 1.19
C SER B 133 -6.37 -12.77 0.75
N ILE B 134 -6.96 -13.75 1.45
CA ILE B 134 -8.31 -14.18 1.15
C ILE B 134 -9.26 -13.00 1.31
N ALA B 135 -9.03 -12.16 2.32
CA ALA B 135 -9.88 -10.99 2.52
C ALA B 135 -9.91 -10.12 1.25
N GLY B 136 -8.78 -10.04 0.55
CA GLY B 136 -8.72 -9.22 -0.67
C GLY B 136 -9.16 -9.93 -1.94
N TYR B 137 -9.17 -11.26 -1.88
CA TYR B 137 -9.55 -12.13 -3.00
C TYR B 137 -10.91 -11.66 -3.51
N PRO B 138 -11.09 -11.62 -4.85
CA PRO B 138 -10.13 -11.96 -5.92
C PRO B 138 -9.08 -10.91 -6.31
N HIS B 139 -8.83 -9.94 -5.44
CA HIS B 139 -7.80 -8.95 -5.70
C HIS B 139 -8.01 -8.09 -6.96
N LEU B 140 -9.20 -7.55 -7.11
CA LEU B 140 -9.50 -6.67 -8.24
C LEU B 140 -8.65 -5.40 -8.04
N LYS B 141 -8.00 -4.95 -9.11
CA LYS B 141 -7.15 -3.76 -9.05
C LYS B 141 -7.83 -2.53 -8.45
N SER B 142 -9.09 -2.31 -8.81
CA SER B 142 -9.84 -1.14 -8.33
C SER B 142 -10.43 -1.22 -6.91
N ASP B 143 -10.34 -2.39 -6.27
CA ASP B 143 -10.93 -2.64 -4.95
C ASP B 143 -10.08 -2.05 -3.82
N ASN B 144 -10.52 -0.94 -3.26
CA ASN B 144 -9.77 -0.27 -2.20
C ASN B 144 -9.46 -1.19 -1.01
N LEU B 145 -10.46 -1.96 -0.58
CA LEU B 145 -10.26 -2.87 0.54
C LEU B 145 -9.25 -3.97 0.21
N ALA B 146 -9.29 -4.49 -1.01
CA ALA B 146 -8.36 -5.54 -1.39
C ALA B 146 -6.95 -5.00 -1.48
N ILE B 147 -6.82 -3.75 -1.94
CA ILE B 147 -5.50 -3.14 -2.04
C ILE B 147 -4.91 -3.06 -0.66
N GLN B 148 -5.71 -2.65 0.31
CA GLN B 148 -5.22 -2.51 1.68
C GLN B 148 -4.91 -3.90 2.27
N ALA B 149 -5.77 -4.86 1.99
CA ALA B 149 -5.58 -6.21 2.51
C ALA B 149 -4.29 -6.81 1.97
N GLN B 150 -3.93 -6.44 0.75
CA GLN B 150 -2.70 -6.98 0.15
C GLN B 150 -1.52 -6.47 0.97
N VAL B 151 -1.59 -5.22 1.42
CA VAL B 151 -0.51 -4.68 2.24
C VAL B 151 -0.43 -5.50 3.55
N LEU B 152 -1.58 -5.70 4.17
CA LEU B 152 -1.65 -6.46 5.40
C LEU B 152 -1.10 -7.88 5.21
N ALA B 153 -1.38 -8.49 4.05
CA ALA B 153 -0.88 -9.84 3.79
C ALA B 153 0.64 -9.79 3.77
N ASN B 154 1.19 -8.80 3.05
CA ASN B 154 2.65 -8.62 2.96
C ASN B 154 3.36 -8.34 4.30
N SER B 155 2.82 -7.45 5.13
CA SER B 155 3.44 -7.14 6.42
C SER B 155 3.43 -8.34 7.36
N ALA B 156 2.34 -9.09 7.32
CA ALA B 156 2.20 -10.28 8.13
C ALA B 156 3.27 -11.30 7.73
N TYR B 157 3.42 -11.50 6.42
CA TYR B 157 4.40 -12.45 5.90
C TYR B 157 5.80 -12.06 6.29
N LEU B 158 6.10 -10.77 6.22
CA LEU B 158 7.43 -10.32 6.56
C LEU B 158 7.65 -10.39 8.07
N GLU B 159 6.60 -10.18 8.85
CA GLU B 159 6.73 -10.29 10.29
C GLU B 159 7.00 -11.77 10.59
N ALA B 160 6.29 -12.65 9.90
CA ALA B 160 6.44 -14.10 10.10
C ALA B 160 7.86 -14.57 9.79
N ALA B 161 8.46 -13.99 8.75
CA ALA B 161 9.83 -14.35 8.37
C ALA B 161 10.83 -13.87 9.42
N LYS B 162 10.53 -12.75 10.06
CA LYS B 162 11.38 -12.20 11.10
C LYS B 162 11.52 -13.21 12.24
N LYS B 163 10.41 -13.87 12.56
CA LYS B 163 10.33 -14.85 13.65
C LYS B 163 10.72 -16.27 13.29
N SER B 164 10.63 -16.61 12.01
CA SER B 164 10.93 -17.96 11.53
C SER B 164 12.40 -18.38 11.67
N LYS B 165 12.62 -19.67 11.83
CA LYS B 165 13.96 -20.23 11.93
C LYS B 165 14.44 -20.60 10.53
N TYR B 166 13.53 -20.53 9.56
CA TYR B 166 13.88 -20.81 8.16
C TYR B 166 14.34 -19.49 7.57
N ILE B 167 15.07 -19.55 6.46
CA ILE B 167 15.54 -18.33 5.83
C ILE B 167 14.61 -17.88 4.70
N ILE B 168 14.10 -16.66 4.81
CA ILE B 168 13.23 -16.11 3.79
C ILE B 168 13.83 -14.79 3.30
N LYS B 169 14.33 -14.79 2.06
CA LYS B 169 14.92 -13.60 1.49
C LYS B 169 14.04 -13.03 0.40
N GLN B 170 13.88 -11.71 0.42
CA GLN B 170 13.10 -11.02 -0.58
C GLN B 170 14.10 -10.58 -1.61
N LEU B 171 13.97 -11.12 -2.82
CA LEU B 171 14.88 -10.78 -3.90
C LEU B 171 14.27 -9.79 -4.88
N GLU B 172 15.12 -8.92 -5.42
CA GLU B 172 14.70 -7.89 -6.39
C GLU B 172 15.51 -8.01 -7.68
N ILE B 173 14.84 -8.27 -8.79
CA ILE B 173 15.52 -8.39 -10.09
C ILE B 173 15.06 -7.32 -11.07
N PRO B 174 15.98 -6.45 -11.50
CA PRO B 174 15.63 -5.38 -12.45
C PRO B 174 15.17 -6.02 -13.74
N PHE B 175 14.12 -5.46 -14.34
CA PHE B 175 13.59 -6.02 -15.58
C PHE B 175 12.62 -5.05 -16.23
N GLU B 176 12.86 -4.75 -17.50
CA GLU B 176 12.01 -3.84 -18.27
C GLU B 176 11.62 -2.55 -17.57
N LYS B 177 12.63 -1.80 -17.11
CA LYS B 177 12.39 -0.52 -16.44
C LYS B 177 11.86 -0.60 -15.02
N GLY B 178 11.67 -1.81 -14.51
CA GLY B 178 11.17 -1.98 -13.16
C GLY B 178 11.95 -3.09 -12.45
N LYS B 179 11.35 -3.66 -11.42
CA LYS B 179 12.01 -4.74 -10.68
C LYS B 179 11.02 -5.84 -10.36
N ILE B 180 11.49 -7.08 -10.44
CA ILE B 180 10.67 -8.22 -10.13
C ILE B 180 10.97 -8.59 -8.68
N THR B 181 9.94 -8.77 -7.88
CA THR B 181 10.15 -9.13 -6.48
C THR B 181 9.76 -10.59 -6.27
N ALA B 182 10.71 -11.38 -5.78
CA ALA B 182 10.47 -12.79 -5.51
C ALA B 182 10.93 -13.14 -4.10
N HIS B 183 10.32 -14.14 -3.50
CA HIS B 183 10.72 -14.57 -2.17
C HIS B 183 11.35 -15.95 -2.21
N LEU B 184 12.58 -16.02 -1.71
CA LEU B 184 13.33 -17.26 -1.66
C LEU B 184 13.26 -17.84 -0.26
N HIS B 185 12.84 -19.09 -0.16
CA HIS B 185 12.68 -19.78 1.12
C HIS B 185 13.72 -20.91 1.23
N LEU B 186 14.53 -20.86 2.27
CA LEU B 186 15.59 -21.85 2.48
C LEU B 186 15.56 -22.46 3.88
N THR B 187 15.99 -23.71 3.99
CA THR B 187 16.04 -24.38 5.28
C THR B 187 17.33 -23.94 5.98
N ASN B 188 18.34 -23.64 5.16
CA ASN B 188 19.63 -23.20 5.66
C ASN B 188 20.41 -22.59 4.50
N THR B 189 21.63 -22.14 4.77
CA THR B 189 22.45 -21.56 3.74
C THR B 189 23.82 -22.26 3.80
N ASP B 190 23.81 -23.59 3.84
CA ASP B 190 25.04 -24.37 3.93
C ASP B 190 25.48 -25.11 2.67
N LYS B 191 24.73 -24.93 1.59
CA LYS B 191 25.04 -25.56 0.31
C LYS B 191 23.97 -25.17 -0.69
N PRO B 192 24.28 -25.25 -2.00
CA PRO B 192 23.23 -24.87 -2.96
C PRO B 192 22.08 -25.85 -2.78
N HIS B 193 20.84 -25.35 -2.80
CA HIS B 193 19.68 -26.23 -2.65
C HIS B 193 18.87 -26.29 -3.94
N PRO B 194 18.37 -27.48 -4.31
CA PRO B 194 17.58 -27.53 -5.54
C PRO B 194 16.45 -26.55 -5.29
N VAL B 195 15.95 -25.90 -6.33
CA VAL B 195 14.91 -24.91 -6.13
C VAL B 195 13.66 -25.11 -6.97
N VAL B 196 12.53 -24.83 -6.35
CA VAL B 196 11.26 -24.92 -7.05
C VAL B 196 10.70 -23.51 -7.23
N ILE B 197 10.53 -23.09 -8.48
CA ILE B 197 9.95 -21.78 -8.77
C ILE B 197 8.43 -21.96 -8.79
N VAL B 198 7.74 -21.15 -7.99
CA VAL B 198 6.29 -21.27 -7.86
C VAL B 198 5.52 -20.01 -8.25
N SER B 199 4.37 -20.19 -8.90
CA SER B 199 3.53 -19.05 -9.21
C SER B 199 2.08 -19.48 -9.05
N ALA B 200 1.35 -18.75 -8.21
CA ALA B 200 -0.05 -19.04 -7.94
C ALA B 200 -0.94 -18.52 -9.07
N GLY B 201 -2.26 -18.61 -8.86
CA GLY B 201 -3.18 -18.13 -9.88
C GLY B 201 -3.28 -16.61 -9.94
N LEU B 202 -3.94 -16.09 -10.97
CA LEU B 202 -4.09 -14.65 -11.14
C LEU B 202 -4.85 -14.01 -9.98
N ASP B 203 -5.56 -14.83 -9.20
CA ASP B 203 -6.31 -14.30 -8.08
C ASP B 203 -5.73 -14.70 -6.73
N SER B 204 -4.42 -14.97 -6.73
CA SER B 204 -3.71 -15.33 -5.51
C SER B 204 -2.44 -14.50 -5.44
N LEU B 205 -1.81 -14.44 -4.27
CA LEU B 205 -0.57 -13.69 -4.06
C LEU B 205 0.58 -14.66 -3.88
N GLN B 206 1.81 -14.22 -4.14
CA GLN B 206 2.97 -15.12 -4.01
C GLN B 206 3.26 -15.55 -2.57
N THR B 207 2.73 -14.79 -1.62
CA THR B 207 2.90 -15.11 -0.20
C THR B 207 1.80 -16.06 0.28
N ASP B 208 1.10 -16.73 -0.62
CA ASP B 208 0.04 -17.64 -0.18
C ASP B 208 0.44 -19.11 -0.16
N MET B 209 1.72 -19.39 -0.37
CA MET B 209 2.15 -20.79 -0.40
C MET B 209 3.20 -21.26 0.61
N TRP B 210 3.23 -20.62 1.78
CA TRP B 210 4.17 -21.02 2.81
C TRP B 210 4.07 -22.52 3.12
N ARG B 211 2.85 -23.05 3.19
CA ARG B 211 2.68 -24.47 3.50
C ARG B 211 3.35 -25.39 2.50
N LEU B 212 3.36 -25.00 1.23
CA LEU B 212 4.01 -25.81 0.20
C LEU B 212 5.47 -26.06 0.60
N PHE B 213 6.10 -25.04 1.13
CA PHE B 213 7.49 -25.14 1.56
C PHE B 213 7.61 -25.85 2.91
N ARG B 214 6.96 -25.30 3.93
CA ARG B 214 7.04 -25.87 5.27
C ARG B 214 6.62 -27.32 5.48
N ASP B 215 5.59 -27.77 4.76
CA ASP B 215 5.13 -29.15 4.93
C ASP B 215 5.66 -30.15 3.90
N HIS B 216 6.31 -29.65 2.86
CA HIS B 216 6.81 -30.54 1.82
C HIS B 216 8.27 -30.27 1.46
N LEU B 217 8.47 -29.26 0.63
CA LEU B 217 9.81 -28.90 0.18
C LEU B 217 10.85 -28.77 1.28
N ALA B 218 10.48 -28.17 2.41
CA ALA B 218 11.43 -27.99 3.50
C ALA B 218 11.97 -29.33 3.99
N LYS B 219 11.13 -30.36 3.99
CA LYS B 219 11.51 -31.70 4.43
C LYS B 219 12.80 -32.22 3.79
N HIS B 220 13.19 -31.66 2.64
CA HIS B 220 14.41 -32.12 1.99
C HIS B 220 15.36 -31.01 1.62
N ASP B 221 15.25 -29.89 2.32
CA ASP B 221 16.15 -28.79 2.04
C ASP B 221 16.00 -28.30 0.60
N ILE B 222 14.82 -28.50 0.02
CA ILE B 222 14.53 -28.00 -1.32
C ILE B 222 13.99 -26.60 -1.09
N ALA B 223 14.61 -25.62 -1.72
CA ALA B 223 14.19 -24.23 -1.58
C ALA B 223 12.96 -23.91 -2.43
N MET B 224 12.23 -22.88 -2.03
CA MET B 224 11.05 -22.43 -2.77
C MET B 224 11.23 -20.95 -3.13
N LEU B 225 11.06 -20.62 -4.41
CA LEU B 225 11.20 -19.26 -4.89
C LEU B 225 9.86 -18.84 -5.51
N THR B 226 9.10 -18.01 -4.80
CA THR B 226 7.78 -17.57 -5.28
C THR B 226 7.86 -16.33 -6.15
N VAL B 227 7.00 -16.28 -7.16
CA VAL B 227 6.96 -15.17 -8.12
C VAL B 227 5.52 -14.83 -8.56
N ASP B 228 5.17 -13.55 -8.59
CA ASP B 228 3.84 -13.16 -9.03
C ASP B 228 3.80 -13.02 -10.55
N MET B 229 2.81 -13.64 -11.18
CA MET B 229 2.62 -13.53 -12.62
C MET B 229 2.49 -12.04 -12.95
N PRO B 230 2.74 -11.67 -14.20
CA PRO B 230 2.62 -10.26 -14.62
C PRO B 230 1.19 -9.81 -14.32
N SER B 231 1.05 -8.61 -13.78
CA SER B 231 -0.24 -7.99 -13.44
C SER B 231 -0.75 -8.36 -12.06
N VAL B 232 0.01 -9.19 -11.34
CA VAL B 232 -0.39 -9.63 -10.02
C VAL B 232 0.59 -9.20 -8.92
N GLY B 233 0.03 -8.84 -7.76
CA GLY B 233 0.82 -8.43 -6.62
C GLY B 233 2.02 -7.56 -6.91
N TYR B 234 3.20 -8.05 -6.53
CA TYR B 234 4.44 -7.33 -6.74
C TYR B 234 4.75 -7.07 -8.21
N SER B 235 4.12 -7.85 -9.09
CA SER B 235 4.33 -7.71 -10.53
C SER B 235 3.17 -6.98 -11.20
N SER B 236 2.34 -6.31 -10.40
CA SER B 236 1.18 -5.61 -10.92
C SER B 236 1.49 -4.57 -12.00
N LYS B 237 2.72 -4.06 -12.02
CA LYS B 237 3.09 -3.05 -13.00
C LYS B 237 3.63 -3.62 -14.32
N TYR B 238 3.71 -4.94 -14.40
CA TYR B 238 4.15 -5.57 -15.63
C TYR B 238 2.90 -6.06 -16.35
N PRO B 239 2.65 -5.54 -17.57
CA PRO B 239 1.44 -6.00 -18.25
C PRO B 239 1.60 -7.50 -18.59
N LEU B 240 0.48 -8.19 -18.78
CA LEU B 240 0.53 -9.61 -19.11
C LEU B 240 1.27 -9.85 -20.45
N THR B 241 0.72 -9.26 -21.51
CA THR B 241 1.24 -9.39 -22.89
C THR B 241 1.15 -10.86 -23.34
N GLU B 242 1.51 -11.13 -24.59
CA GLU B 242 1.45 -12.50 -25.08
C GLU B 242 2.62 -13.30 -24.51
N ASP B 243 3.62 -12.59 -24.01
CA ASP B 243 4.79 -13.25 -23.42
C ASP B 243 4.68 -13.15 -21.89
N TYR B 244 3.65 -13.81 -21.35
CA TYR B 244 3.34 -13.78 -19.93
C TYR B 244 4.18 -14.65 -19.00
N SER B 245 5.13 -15.38 -19.57
CA SER B 245 6.00 -16.20 -18.73
C SER B 245 7.38 -15.52 -18.64
N ARG B 246 7.48 -14.31 -19.18
CA ARG B 246 8.74 -13.60 -19.19
C ARG B 246 9.37 -13.24 -17.84
N LEU B 247 8.57 -12.96 -16.82
CA LEU B 247 9.18 -12.59 -15.53
C LEU B 247 9.89 -13.82 -14.96
N HIS B 248 9.36 -15.00 -15.25
CA HIS B 248 9.94 -16.25 -14.77
C HIS B 248 11.24 -16.56 -15.50
N GLN B 249 11.31 -16.20 -16.78
CA GLN B 249 12.54 -16.43 -17.52
C GLN B 249 13.58 -15.51 -16.89
N ALA B 250 13.16 -14.28 -16.59
CA ALA B 250 14.06 -13.31 -15.98
C ALA B 250 14.62 -13.89 -14.70
N VAL B 251 13.75 -14.41 -13.85
CA VAL B 251 14.14 -15.02 -12.57
C VAL B 251 15.05 -16.23 -12.79
N LEU B 252 14.73 -17.03 -13.79
CA LEU B 252 15.53 -18.21 -14.09
C LEU B 252 16.96 -17.80 -14.45
N ASN B 253 17.08 -16.72 -15.22
CA ASN B 253 18.37 -16.22 -15.65
C ASN B 253 19.20 -15.64 -14.51
N GLU B 254 18.58 -15.38 -13.38
CA GLU B 254 19.31 -14.83 -12.24
C GLU B 254 19.77 -15.88 -11.24
N LEU B 255 19.22 -17.09 -11.35
CA LEU B 255 19.57 -18.16 -10.43
C LEU B 255 21.07 -18.44 -10.27
N PHE B 256 21.82 -18.39 -11.37
CA PHE B 256 23.25 -18.68 -11.32
C PHE B 256 24.02 -17.84 -10.31
N SER B 257 23.58 -16.60 -10.08
CA SER B 257 24.26 -15.71 -9.15
C SER B 257 23.77 -15.80 -7.71
N ILE B 258 22.78 -16.66 -7.46
CA ILE B 258 22.27 -16.86 -6.10
C ILE B 258 22.96 -18.13 -5.58
N PRO B 259 24.05 -17.96 -4.83
CA PRO B 259 24.81 -19.10 -4.28
C PRO B 259 24.05 -20.14 -3.45
N TYR B 260 22.94 -19.74 -2.82
CA TYR B 260 22.17 -20.67 -2.00
C TYR B 260 21.30 -21.64 -2.80
N VAL B 261 21.17 -21.42 -4.11
CA VAL B 261 20.34 -22.29 -4.91
C VAL B 261 21.17 -22.97 -6.00
N ASP B 262 20.78 -24.20 -6.31
CA ASP B 262 21.44 -24.99 -7.32
C ASP B 262 20.70 -24.78 -8.63
N HIS B 263 21.20 -23.87 -9.48
CA HIS B 263 20.53 -23.59 -10.73
C HIS B 263 20.49 -24.77 -11.70
N HIS B 264 21.09 -25.90 -11.30
CA HIS B 264 21.08 -27.10 -12.13
C HIS B 264 19.97 -28.05 -11.70
N ARG B 265 19.28 -27.71 -10.62
CA ARG B 265 18.18 -28.54 -10.11
C ARG B 265 16.95 -27.66 -9.91
N VAL B 266 16.40 -27.17 -11.02
CA VAL B 266 15.24 -26.30 -10.97
C VAL B 266 13.95 -27.01 -11.35
N GLY B 267 12.97 -26.93 -10.47
CA GLY B 267 11.68 -27.53 -10.73
C GLY B 267 10.66 -26.39 -10.79
N LEU B 268 9.47 -26.67 -11.30
CA LEU B 268 8.44 -25.62 -11.38
C LEU B 268 7.10 -26.12 -10.86
N ILE B 269 6.34 -25.22 -10.27
CA ILE B 269 5.01 -25.55 -9.80
C ILE B 269 4.14 -24.33 -10.10
N GLY B 270 3.07 -24.56 -10.85
CA GLY B 270 2.16 -23.49 -11.18
C GLY B 270 0.73 -23.85 -10.88
N PHE B 271 0.00 -22.90 -10.31
CA PHE B 271 -1.41 -23.08 -9.98
C PHE B 271 -2.26 -22.26 -10.93
N ARG B 272 -3.32 -22.88 -11.44
CA ARG B 272 -4.23 -22.22 -12.36
C ARG B 272 -3.49 -21.63 -13.56
N PHE B 273 -3.68 -20.34 -13.87
CA PHE B 273 -3.00 -19.78 -15.03
C PHE B 273 -1.49 -19.75 -14.84
N GLY B 274 -1.04 -19.76 -13.59
CA GLY B 274 0.38 -19.80 -13.32
C GLY B 274 0.90 -21.10 -13.87
N GLY B 275 0.07 -22.15 -13.85
CA GLY B 275 0.49 -23.43 -14.39
C GLY B 275 0.64 -23.36 -15.90
N ASN B 276 -0.27 -22.62 -16.54
CA ASN B 276 -0.19 -22.44 -17.99
C ASN B 276 1.20 -21.82 -18.27
N ALA B 277 1.57 -20.82 -17.45
CA ALA B 277 2.86 -20.17 -17.62
C ALA B 277 4.03 -21.14 -17.39
N MET B 278 3.90 -22.05 -16.42
CA MET B 278 4.99 -22.98 -16.18
C MET B 278 5.18 -23.98 -17.33
N VAL B 279 4.10 -24.33 -18.01
CA VAL B 279 4.21 -25.23 -19.15
C VAL B 279 4.96 -24.49 -20.26
N ARG B 280 4.57 -23.26 -20.54
CA ARG B 280 5.25 -22.46 -21.56
C ARG B 280 6.75 -22.45 -21.29
N LEU B 281 7.09 -22.16 -20.04
CA LEU B 281 8.47 -22.09 -19.61
C LEU B 281 9.15 -23.44 -19.79
N SER B 282 8.39 -24.51 -19.57
CA SER B 282 8.94 -25.85 -19.70
C SER B 282 9.36 -26.16 -21.14
N PHE B 283 8.83 -25.40 -22.09
CA PHE B 283 9.16 -25.59 -23.51
C PHE B 283 10.27 -24.62 -23.88
N LEU B 284 10.09 -23.36 -23.47
CA LEU B 284 11.07 -22.31 -23.76
C LEU B 284 12.44 -22.55 -23.12
N GLU B 285 12.45 -23.13 -21.92
CA GLU B 285 13.69 -23.39 -21.19
C GLU B 285 13.90 -24.87 -20.94
N GLN B 286 13.49 -25.66 -21.91
CA GLN B 286 13.60 -27.11 -21.84
C GLN B 286 14.88 -27.68 -21.23
N GLU B 287 16.03 -27.15 -21.62
CA GLU B 287 17.30 -27.65 -21.14
C GLU B 287 17.72 -27.21 -19.72
N LYS B 288 17.01 -26.23 -19.15
CA LYS B 288 17.33 -25.70 -17.82
C LYS B 288 16.36 -26.14 -16.73
N ILE B 289 15.31 -26.86 -17.10
CA ILE B 289 14.29 -27.27 -16.14
C ILE B 289 14.29 -28.79 -15.96
N LYS B 290 14.18 -29.25 -14.71
CA LYS B 290 14.17 -30.67 -14.37
C LYS B 290 12.79 -31.29 -14.44
N ALA B 291 11.80 -30.62 -13.85
CA ALA B 291 10.44 -31.13 -13.84
C ALA B 291 9.44 -30.03 -13.54
N CYS B 292 8.17 -30.34 -13.72
CA CYS B 292 7.13 -29.35 -13.52
C CYS B 292 5.80 -29.99 -13.13
N VAL B 293 5.10 -29.34 -12.21
CA VAL B 293 3.79 -29.80 -11.78
C VAL B 293 2.80 -28.66 -11.90
N ILE B 294 1.64 -28.93 -12.49
CA ILE B 294 0.62 -27.89 -12.60
C ILE B 294 -0.66 -28.38 -12.00
N LEU B 295 -1.40 -27.47 -11.38
CA LEU B 295 -2.65 -27.79 -10.72
C LEU B 295 -3.79 -26.89 -11.15
N GLY B 296 -4.84 -27.51 -11.69
CA GLY B 296 -6.02 -26.78 -12.13
C GLY B 296 -5.73 -25.69 -13.15
N ALA B 297 -4.76 -25.95 -14.02
CA ALA B 297 -4.35 -24.98 -15.05
C ALA B 297 -5.19 -24.98 -16.32
N PRO B 298 -5.59 -23.77 -16.78
CA PRO B 298 -6.38 -23.67 -18.01
C PRO B 298 -5.35 -23.78 -19.12
N ILE B 299 -5.37 -24.87 -19.87
CA ILE B 299 -4.40 -25.05 -20.93
C ILE B 299 -4.89 -24.70 -22.32
N HIS B 300 -6.14 -25.01 -22.65
CA HIS B 300 -6.65 -24.77 -24.01
C HIS B 300 -8.16 -24.58 -24.12
N ASP B 301 -8.92 -25.59 -23.68
CA ASP B 301 -10.37 -25.61 -23.74
C ASP B 301 -11.08 -24.26 -23.54
N ILE B 302 -10.96 -23.70 -22.34
CA ILE B 302 -11.61 -22.45 -22.01
C ILE B 302 -11.24 -21.29 -22.95
N PHE B 303 -9.98 -21.23 -23.36
CA PHE B 303 -9.50 -20.15 -24.23
C PHE B 303 -9.81 -20.27 -25.72
N ALA B 304 -9.96 -21.50 -26.20
CA ALA B 304 -10.21 -21.73 -27.61
C ALA B 304 -11.70 -21.88 -27.91
N SER B 305 -12.51 -21.83 -26.87
CA SER B 305 -13.95 -21.97 -27.00
C SER B 305 -14.67 -20.75 -26.43
N PRO B 306 -15.02 -19.79 -27.30
CA PRO B 306 -15.71 -18.57 -26.87
C PRO B 306 -16.94 -18.80 -25.99
N GLN B 307 -17.83 -19.68 -26.43
CA GLN B 307 -19.05 -19.94 -25.67
C GLN B 307 -18.80 -20.44 -24.25
N LYS B 308 -17.71 -21.18 -24.05
CA LYS B 308 -17.40 -21.68 -22.72
C LYS B 308 -16.99 -20.53 -21.81
N LEU B 309 -16.18 -19.63 -22.35
CA LEU B 309 -15.71 -18.47 -21.63
C LEU B 309 -16.94 -17.63 -21.27
N GLN B 310 -17.88 -17.58 -22.20
CA GLN B 310 -19.12 -16.83 -22.03
C GLN B 310 -20.05 -17.46 -21.01
N GLN B 311 -19.66 -18.60 -20.45
CA GLN B 311 -20.50 -19.25 -19.46
C GLN B 311 -19.84 -19.23 -18.08
N MET B 312 -18.65 -18.66 -17.99
CA MET B 312 -17.93 -18.58 -16.72
C MET B 312 -18.57 -17.56 -15.77
N PRO B 313 -18.41 -17.77 -14.46
CA PRO B 313 -18.98 -16.85 -13.47
C PRO B 313 -18.38 -15.45 -13.55
N LYS B 314 -19.16 -14.45 -13.12
CA LYS B 314 -18.72 -13.07 -13.13
C LYS B 314 -17.38 -12.83 -12.41
N MET B 315 -17.14 -13.50 -11.27
CA MET B 315 -15.87 -13.29 -10.56
C MET B 315 -14.68 -13.60 -11.47
N TYR B 316 -14.73 -14.74 -12.15
CA TYR B 316 -13.66 -15.14 -13.05
C TYR B 316 -13.47 -14.10 -14.16
N LEU B 317 -14.57 -13.57 -14.68
CA LEU B 317 -14.49 -12.56 -15.74
C LEU B 317 -13.98 -11.22 -15.19
N ASP B 318 -14.37 -10.87 -13.96
CA ASP B 318 -13.90 -9.61 -13.37
C ASP B 318 -12.38 -9.70 -13.22
N VAL B 319 -11.87 -10.86 -12.82
CA VAL B 319 -10.42 -11.02 -12.64
C VAL B 319 -9.69 -10.80 -13.96
N LEU B 320 -10.10 -11.57 -14.97
CA LEU B 320 -9.53 -11.44 -16.30
C LEU B 320 -9.56 -9.98 -16.80
N ALA B 321 -10.70 -9.32 -16.62
CA ALA B 321 -10.86 -7.93 -17.05
C ALA B 321 -9.89 -7.03 -16.30
N SER B 322 -9.79 -7.27 -14.99
CA SER B 322 -8.90 -6.49 -14.14
C SER B 322 -7.41 -6.68 -14.48
N ARG B 323 -6.98 -7.93 -14.67
CA ARG B 323 -5.57 -8.21 -14.99
C ARG B 323 -5.20 -7.69 -16.37
N LEU B 324 -6.15 -7.69 -17.29
CA LEU B 324 -5.90 -7.21 -18.66
C LEU B 324 -6.18 -5.70 -18.78
N GLY B 325 -6.65 -5.07 -17.70
CA GLY B 325 -6.94 -3.65 -17.75
C GLY B 325 -8.10 -3.26 -18.65
N LYS B 326 -9.16 -4.06 -18.64
CA LYS B 326 -10.33 -3.77 -19.46
C LYS B 326 -11.23 -2.82 -18.69
N SER B 327 -11.45 -1.63 -19.24
CA SER B 327 -12.30 -0.65 -18.57
C SER B 327 -13.76 -1.07 -18.58
N VAL B 328 -14.45 -0.94 -19.71
CA VAL B 328 -15.84 -1.36 -19.80
C VAL B 328 -15.72 -2.69 -20.52
N VAL B 329 -16.22 -3.75 -19.89
CA VAL B 329 -16.04 -5.06 -20.46
C VAL B 329 -17.07 -5.61 -21.43
N ASP B 330 -16.56 -6.14 -22.53
CA ASP B 330 -17.38 -6.77 -23.55
C ASP B 330 -16.95 -8.22 -23.55
N ILE B 331 -17.74 -9.06 -22.90
CA ILE B 331 -17.47 -10.48 -22.78
C ILE B 331 -17.37 -11.18 -24.12
N TYR B 332 -18.27 -10.85 -25.03
CA TYR B 332 -18.24 -11.48 -26.33
C TYR B 332 -16.89 -11.26 -26.98
N SER B 333 -16.46 -10.01 -27.00
CA SER B 333 -15.19 -9.69 -27.61
C SER B 333 -14.03 -10.30 -26.83
N LEU B 334 -14.10 -10.25 -25.49
CA LEU B 334 -13.05 -10.82 -24.65
C LEU B 334 -12.89 -12.31 -24.88
N SER B 335 -14.01 -13.01 -24.96
CA SER B 335 -14.02 -14.45 -25.17
C SER B 335 -13.39 -14.81 -26.51
N GLY B 336 -13.37 -13.83 -27.41
CA GLY B 336 -12.77 -14.06 -28.71
C GLY B 336 -11.26 -13.88 -28.70
N GLN B 337 -10.74 -12.95 -27.89
CA GLN B 337 -9.31 -12.73 -27.89
C GLN B 337 -8.46 -13.60 -26.95
N MET B 338 -9.09 -14.48 -26.19
CA MET B 338 -8.38 -15.34 -25.25
C MET B 338 -7.75 -16.58 -25.86
N ALA B 339 -8.18 -16.93 -27.07
CA ALA B 339 -7.63 -18.10 -27.73
C ALA B 339 -6.11 -18.04 -27.73
N ALA B 340 -5.57 -16.82 -27.67
CA ALA B 340 -4.11 -16.64 -27.67
C ALA B 340 -3.42 -17.21 -26.41
N TRP B 341 -4.18 -17.42 -25.33
CA TRP B 341 -3.58 -17.97 -24.12
C TRP B 341 -3.57 -19.50 -24.17
N SER B 342 -4.04 -20.07 -25.28
CA SER B 342 -4.03 -21.53 -25.45
C SER B 342 -2.63 -21.98 -25.87
N LEU B 343 -2.04 -22.89 -25.11
CA LEU B 343 -0.71 -23.38 -25.43
C LEU B 343 -0.71 -24.22 -26.71
N LYS B 344 -1.91 -24.61 -27.16
CA LYS B 344 -2.03 -25.39 -28.40
C LYS B 344 -2.00 -24.37 -29.55
N VAL B 345 -2.82 -23.32 -29.42
CA VAL B 345 -2.87 -22.26 -30.42
C VAL B 345 -1.50 -21.59 -30.54
N GLN B 346 -0.82 -21.40 -29.41
CA GLN B 346 0.51 -20.79 -29.44
C GLN B 346 1.47 -21.70 -30.19
N GLY B 347 1.09 -22.97 -30.31
CA GLY B 347 1.93 -23.90 -31.03
C GLY B 347 2.87 -24.78 -30.21
N PHE B 348 2.79 -24.72 -28.89
CA PHE B 348 3.65 -25.53 -28.02
C PHE B 348 3.19 -26.98 -27.94
N LEU B 349 1.88 -27.19 -27.91
CA LEU B 349 1.36 -28.55 -27.82
C LEU B 349 0.94 -29.11 -29.19
N SER B 350 1.90 -29.33 -30.08
CA SER B 350 1.59 -29.85 -31.40
C SER B 350 2.67 -30.72 -32.04
N SER B 351 3.88 -30.16 -32.17
CA SER B 351 4.98 -30.90 -32.77
C SER B 351 5.76 -31.75 -31.77
N ARG B 352 7.00 -31.34 -31.52
CA ARG B 352 7.87 -32.07 -30.61
C ARG B 352 7.48 -31.90 -29.15
N LYS B 353 7.60 -32.99 -28.40
CA LYS B 353 7.29 -33.00 -26.98
C LYS B 353 8.43 -32.28 -26.28
N THR B 354 8.20 -31.85 -25.05
CA THR B 354 9.28 -31.21 -24.31
C THR B 354 10.02 -32.30 -23.54
N LYS B 355 11.32 -32.09 -23.33
CA LYS B 355 12.15 -33.03 -22.59
C LYS B 355 11.79 -32.97 -21.11
N VAL B 356 11.14 -31.88 -20.72
CA VAL B 356 10.75 -31.69 -19.33
C VAL B 356 9.56 -32.58 -18.96
N PRO B 357 9.71 -33.44 -17.95
CA PRO B 357 8.55 -34.26 -17.60
C PRO B 357 7.54 -33.36 -16.88
N ILE B 358 6.27 -33.47 -17.21
CA ILE B 358 5.26 -32.63 -16.58
C ILE B 358 4.11 -33.45 -16.03
N LEU B 359 3.78 -33.19 -14.78
CA LEU B 359 2.68 -33.86 -14.13
C LEU B 359 1.55 -32.82 -14.06
N ALA B 360 0.50 -33.04 -14.84
CA ALA B 360 -0.63 -32.13 -14.91
C ALA B 360 -1.86 -32.71 -14.23
N MET B 361 -2.41 -32.00 -13.25
CA MET B 361 -3.58 -32.50 -12.58
C MET B 361 -4.54 -31.42 -12.17
N SER B 362 -5.77 -31.83 -11.87
CA SER B 362 -6.81 -30.91 -11.45
C SER B 362 -7.97 -31.71 -10.86
N LEU B 363 -8.82 -31.03 -10.11
CA LEU B 363 -9.97 -31.66 -9.49
C LEU B 363 -10.98 -32.03 -10.57
N GLU B 364 -11.74 -33.09 -10.31
CA GLU B 364 -12.76 -33.55 -11.26
C GLU B 364 -13.87 -32.50 -11.41
N GLY B 365 -14.28 -32.24 -12.64
CA GLY B 365 -15.33 -31.28 -12.88
C GLY B 365 -14.95 -29.80 -12.98
N ASP B 366 -13.65 -29.51 -12.95
CA ASP B 366 -13.18 -28.12 -13.04
C ASP B 366 -13.30 -27.60 -14.48
N PRO B 367 -14.21 -26.65 -14.73
CA PRO B 367 -14.40 -26.09 -16.08
C PRO B 367 -13.15 -25.34 -16.59
N VAL B 368 -12.35 -24.83 -15.66
CA VAL B 368 -11.14 -24.11 -16.05
C VAL B 368 -10.06 -25.06 -16.55
N SER B 369 -9.98 -26.23 -15.93
CA SER B 369 -8.95 -27.20 -16.27
C SER B 369 -9.55 -28.58 -16.50
N PRO B 370 -10.18 -28.79 -17.67
CA PRO B 370 -10.78 -30.09 -17.97
C PRO B 370 -9.73 -31.16 -18.11
N TYR B 371 -10.14 -32.41 -17.91
CA TYR B 371 -9.22 -33.52 -18.02
C TYR B 371 -8.44 -33.48 -19.35
N SER B 372 -9.14 -33.14 -20.43
CA SER B 372 -8.54 -33.08 -21.76
C SER B 372 -7.34 -32.11 -21.86
N ASP B 373 -7.43 -30.99 -21.14
CA ASP B 373 -6.35 -30.01 -21.14
C ASP B 373 -5.09 -30.64 -20.58
N ASN B 374 -5.23 -31.34 -19.46
CA ASN B 374 -4.09 -31.99 -18.82
C ASN B 374 -3.59 -33.20 -19.60
N GLN B 375 -4.50 -33.87 -20.31
CA GLN B 375 -4.10 -35.02 -21.13
C GLN B 375 -3.21 -34.47 -22.23
N MET B 376 -3.60 -33.32 -22.78
CA MET B 376 -2.81 -32.65 -23.82
C MET B 376 -1.37 -32.41 -23.38
N VAL B 377 -1.20 -31.79 -22.20
CA VAL B 377 0.13 -31.48 -21.67
C VAL B 377 0.99 -32.73 -21.51
N ALA B 378 0.41 -33.79 -20.95
CA ALA B 378 1.16 -35.02 -20.75
C ALA B 378 1.61 -35.60 -22.08
N PHE B 379 0.72 -35.60 -23.06
CA PHE B 379 1.05 -36.13 -24.37
C PHE B 379 2.27 -35.44 -24.98
N PHE B 380 2.40 -34.14 -24.77
CA PHE B 380 3.53 -33.44 -25.35
C PHE B 380 4.72 -33.25 -24.42
N SER B 381 4.78 -34.09 -23.41
CA SER B 381 5.88 -34.06 -22.45
C SER B 381 6.52 -35.44 -22.34
N THR B 382 7.84 -35.52 -22.46
CA THR B 382 8.51 -36.80 -22.33
C THR B 382 8.39 -37.27 -20.88
N TYR B 383 7.55 -38.28 -20.66
CA TYR B 383 7.30 -38.84 -19.33
C TYR B 383 6.19 -38.09 -18.61
N GLY B 384 5.41 -37.33 -19.34
CA GLY B 384 4.33 -36.58 -18.72
C GLY B 384 3.20 -37.47 -18.27
N LYS B 385 2.43 -37.02 -17.28
CA LYS B 385 1.31 -37.79 -16.78
C LYS B 385 0.19 -36.87 -16.34
N ALA B 386 -1.04 -37.29 -16.58
CA ALA B 386 -2.20 -36.50 -16.21
C ALA B 386 -3.06 -37.25 -15.19
N LYS B 387 -3.03 -36.78 -13.94
CA LYS B 387 -3.81 -37.42 -12.90
C LYS B 387 -5.01 -36.55 -12.56
N LYS B 388 -6.12 -37.18 -12.20
CA LYS B 388 -7.33 -36.46 -11.85
C LYS B 388 -7.53 -36.53 -10.33
N ILE B 389 -7.43 -35.38 -9.66
CA ILE B 389 -7.62 -35.36 -8.22
C ILE B 389 -9.07 -35.76 -7.98
N SER B 390 -9.25 -36.93 -7.40
CA SER B 390 -10.59 -37.45 -7.15
C SER B 390 -11.21 -37.02 -5.84
N SER B 391 -12.53 -37.17 -5.80
CA SER B 391 -13.33 -36.87 -4.63
C SER B 391 -13.84 -38.25 -4.20
N LYS B 392 -14.75 -38.29 -3.24
CA LYS B 392 -15.30 -39.57 -2.77
C LYS B 392 -14.31 -40.36 -1.91
N THR B 393 -13.02 -40.16 -2.13
CA THR B 393 -11.99 -40.86 -1.36
C THR B 393 -11.10 -39.83 -0.69
N ILE B 394 -11.37 -39.57 0.57
CA ILE B 394 -10.62 -38.59 1.33
C ILE B 394 -9.16 -38.92 1.59
N THR B 395 -8.88 -40.13 2.05
CA THR B 395 -7.49 -40.47 2.38
C THR B 395 -6.52 -40.67 1.21
N GLN B 396 -7.05 -40.80 0.00
CA GLN B 396 -6.19 -40.91 -1.17
C GLN B 396 -6.80 -40.05 -2.27
N GLY B 397 -7.09 -38.81 -1.88
CA GLY B 397 -7.67 -37.84 -2.77
C GLY B 397 -6.84 -36.57 -2.77
N TYR B 398 -7.48 -35.43 -2.53
CA TYR B 398 -6.81 -34.14 -2.54
C TYR B 398 -5.43 -34.16 -1.89
N GLU B 399 -5.42 -34.32 -0.58
CA GLU B 399 -4.20 -34.35 0.22
C GLU B 399 -3.16 -35.36 -0.29
N GLN B 400 -3.59 -36.56 -0.66
CA GLN B 400 -2.63 -37.55 -1.16
C GLN B 400 -2.09 -37.18 -2.53
N SER B 401 -2.98 -36.72 -3.41
CA SER B 401 -2.57 -36.34 -4.76
C SER B 401 -1.48 -35.28 -4.67
N LEU B 402 -1.76 -34.23 -3.90
CA LEU B 402 -0.81 -33.15 -3.68
C LEU B 402 0.51 -33.71 -3.19
N ASP B 403 0.43 -34.66 -2.26
CA ASP B 403 1.60 -35.29 -1.69
C ASP B 403 2.47 -36.00 -2.73
N LEU B 404 1.83 -36.86 -3.53
CA LEU B 404 2.52 -37.61 -4.56
C LEU B 404 3.17 -36.68 -5.57
N ALA B 405 2.41 -35.69 -6.01
CA ALA B 405 2.90 -34.69 -6.97
C ALA B 405 4.21 -34.15 -6.45
N ILE B 406 4.13 -33.69 -5.21
CA ILE B 406 5.25 -33.14 -4.49
C ILE B 406 6.43 -34.13 -4.51
N LYS B 407 6.17 -35.36 -4.07
CA LYS B 407 7.18 -36.41 -4.02
C LYS B 407 7.87 -36.58 -5.36
N TRP B 408 7.07 -36.70 -6.41
CA TRP B 408 7.60 -36.89 -7.75
C TRP B 408 8.53 -35.76 -8.20
N LEU B 409 8.16 -34.52 -7.90
CA LEU B 409 8.97 -33.38 -8.27
C LEU B 409 10.35 -33.47 -7.62
N GLU B 410 10.36 -33.77 -6.33
CA GLU B 410 11.59 -33.91 -5.55
C GLU B 410 12.53 -34.89 -6.19
N ASP B 411 11.94 -36.04 -6.48
CA ASP B 411 12.67 -37.12 -7.07
C ASP B 411 13.40 -36.61 -8.29
N GLU B 412 12.69 -35.91 -9.17
CA GLU B 412 13.33 -35.37 -10.36
C GLU B 412 14.45 -34.40 -9.98
N LEU B 413 14.23 -33.63 -8.92
CA LEU B 413 15.21 -32.65 -8.46
C LEU B 413 16.37 -33.25 -7.67
N LEU B 414 16.05 -34.04 -6.65
CA LEU B 414 17.06 -34.68 -5.82
C LEU B 414 17.87 -35.73 -6.56
N ARG B 415 17.23 -36.39 -7.54
CA ARG B 415 17.92 -37.41 -8.33
C ARG B 415 18.85 -36.77 -9.35
#